data_8K34
#
_entry.id   8K34
#
_cell.length_a   1.00
_cell.length_b   1.00
_cell.length_c   1.00
_cell.angle_alpha   90.00
_cell.angle_beta   90.00
_cell.angle_gamma   90.00
#
_symmetry.space_group_name_H-M   'P 1'
#
loop_
_entity.id
_entity.type
_entity.pdbx_description
1 polymer 'TIR domain-containing protein'
2 polymer 'Piwi domain-containing protein'
3 polymer "RNA (5'-R(P*AP*AP*AP*CP*GP*GP*CP*UP*CP*UP*AP*AP*UP*CP*UP*AP*UP*UP*AP*GP*U)-3')"
4 non-polymer 'MAGNESIUM ION'
#
loop_
_entity_poly.entity_id
_entity_poly.type
_entity_poly.pdbx_seq_one_letter_code
_entity_poly.pdbx_strand_id
1 'polypeptide(L)'
;MRNKIFISHATPEDDDFTRWLSLKLIGLGYEVWCDILFLDKGVDFWSTIEKEIRENTCKFLIVSSTAGNKREGVLKELAV
ATKVKKHLQDDMFIIPLAIDENLSYDDINIEIVRLNAIDFKKSWAKGLQDLLDAFEKQNVPKKPPDHSKSNLLYQQIFLH
DKQAIEKEETYDSNWFPIISFPNELRFHRYDWRLPKQFDVRTLAFPAIRYKEYLCTFAWEYDFIHQLPKTETYNGQESIR
ISTSDILSGRYDTDFIRNYECQRLIVQLINKAFELRMKDKNVREYQMSKTFAYWIEKGKLEKDKFEKIKLVGKQKNKYWH
FGISAAGKLYPSPVLMVSSHIIFTMDGINLIKSKSIQHSSRRKQGKNWWNDKWREKLLAFIRFLSDDQNAIYLNVGSEEK
ILISNKPLKFFGKMSYVTPSEVTLEEESVLADINNFEEDTEDLDELEDIE
;
A
2 'polypeptide(L)'
;MKELIYIEEPSILFAHGQKCTDPRDGLALFGPLNQIYGIKSGVVGTQKGLQIFKSYLDKIQKPIYNHNNITRPMFPGFEA
VFGCKWESQNIVFKEITDEEIRRYLFNASTHKRTYDLVTLFNDKIITANKNDEERVDVWFVIVPEEIYKYCRPNSVLPNE
LVQTKSLISKSKAKSFRYTPTLFEEFNKKLKEVEKEAKTYNYDAQFHDQLKARLLEHTIPTQILRESTLAWRDFKNTFGA
PIRDFSKIEGHLAWTISTAAYYKAGGKPWKLGDIRPGVCYLGLVYKKIEKSKNPQNACCAAQMFLDNGDGTVFKGEVGPW
YNPEKGEYHLKPKEAKALLTQALESYKEQNKSYPKEVFIHARTRFNDEEWNAFNEVTPKNTNLVGVTITKSKPLKLYKTE
GAFPIMRGNAYIVDEKKAFLWTLGFVPKLQSTLSMEVPNPIFIEINKGEAEIQQVLKDILALTKLNYNACIYADGEPVTL
RFANKIGEILTASTEIKTPPLAFKYYI
;
B
3 'polyribonucleotide' AAACGGCUCUAAUCUAUUAGU C
#
loop_
_chem_comp.id
_chem_comp.type
_chem_comp.name
_chem_comp.formula
A RNA linking ADENOSINE-5'-MONOPHOSPHATE 'C10 H14 N5 O7 P'
C RNA linking CYTIDINE-5'-MONOPHOSPHATE 'C9 H14 N3 O8 P'
G RNA linking GUANOSINE-5'-MONOPHOSPHATE 'C10 H14 N5 O8 P'
MG non-polymer 'MAGNESIUM ION' 'Mg 2'
U RNA linking URIDINE-5'-MONOPHOSPHATE 'C9 H13 N2 O9 P'
#
# COMPACT_ATOMS: atom_id res chain seq x y z
N ARG A 2 17.32 37.71 -24.75
CA ARG A 2 18.75 37.42 -24.64
C ARG A 2 19.01 35.92 -24.65
N ASN A 3 18.66 35.25 -23.56
CA ASN A 3 18.83 33.81 -23.45
C ASN A 3 17.65 33.08 -22.84
N LYS A 4 16.78 33.76 -22.10
CA LYS A 4 15.70 33.06 -21.41
C LYS A 4 14.64 32.57 -22.39
N ILE A 5 13.82 31.64 -21.92
CA ILE A 5 12.72 31.07 -22.66
C ILE A 5 11.47 31.30 -21.84
N PHE A 6 10.69 32.32 -22.18
CA PHE A 6 9.54 32.72 -21.39
C PHE A 6 8.31 31.94 -21.82
N ILE A 7 7.62 31.34 -20.86
CA ILE A 7 6.35 30.67 -21.12
C ILE A 7 5.24 31.44 -20.41
N SER A 8 4.16 31.70 -21.14
CA SER A 8 2.96 32.32 -20.59
C SER A 8 1.80 31.34 -20.70
N HIS A 9 0.94 31.34 -19.69
CA HIS A 9 -0.06 30.29 -19.56
C HIS A 9 -1.20 30.75 -18.67
N ALA A 10 -2.30 30.00 -18.72
CA ALA A 10 -3.35 30.15 -17.73
C ALA A 10 -2.92 29.47 -16.44
N THR A 11 -2.78 30.26 -15.37
CA THR A 11 -2.21 29.74 -14.13
C THR A 11 -3.03 28.61 -13.50
N PRO A 12 -4.34 28.74 -13.28
CA PRO A 12 -5.03 27.70 -12.50
C PRO A 12 -5.37 26.45 -13.31
N GLU A 13 -5.76 26.62 -14.58
CA GLU A 13 -6.33 25.52 -15.34
C GLU A 13 -5.29 24.78 -16.19
N ASP A 14 -4.23 25.46 -16.63
CA ASP A 14 -3.22 24.85 -17.49
C ASP A 14 -1.90 24.66 -16.78
N ASP A 15 -1.90 24.58 -15.44
CA ASP A 15 -0.66 24.40 -14.71
C ASP A 15 -0.08 23.01 -14.87
N ASP A 16 -0.89 22.02 -15.22
CA ASP A 16 -0.37 20.67 -15.45
C ASP A 16 0.58 20.66 -16.64
N PHE A 17 0.07 21.09 -17.81
CA PHE A 17 0.91 21.11 -19.00
C PHE A 17 2.07 22.08 -18.84
N THR A 18 1.83 23.22 -18.17
CA THR A 18 2.91 24.19 -18.00
C THR A 18 4.01 23.64 -17.13
N ARG A 19 3.65 23.00 -16.01
CA ARG A 19 4.61 22.25 -15.21
C ARG A 19 5.40 21.26 -16.06
N TRP A 20 4.69 20.42 -16.82
CA TRP A 20 5.35 19.37 -17.58
C TRP A 20 6.33 19.95 -18.58
N LEU A 21 5.86 20.88 -19.42
CA LEU A 21 6.70 21.47 -20.45
C LEU A 21 7.87 22.25 -19.84
N SER A 22 7.60 23.06 -18.82
CA SER A 22 8.66 23.87 -18.24
C SER A 22 9.76 22.98 -17.66
N LEU A 23 9.38 22.00 -16.84
CA LEU A 23 10.38 21.14 -16.22
C LEU A 23 11.15 20.35 -17.27
N LYS A 24 10.45 19.85 -18.30
CA LYS A 24 11.15 19.17 -19.38
C LYS A 24 12.15 20.09 -20.06
N LEU A 25 11.82 21.38 -20.17
CA LEU A 25 12.70 22.31 -20.88
C LEU A 25 13.91 22.71 -20.04
N ILE A 26 13.76 22.90 -18.72
CA ILE A 26 14.97 23.10 -17.93
C ILE A 26 15.78 21.81 -17.90
N GLY A 27 15.12 20.65 -18.03
CA GLY A 27 15.86 19.40 -18.11
C GLY A 27 16.81 19.37 -19.29
N LEU A 28 16.41 19.95 -20.42
CA LEU A 28 17.21 19.97 -21.62
C LEU A 28 18.23 21.09 -21.65
N GLY A 29 18.48 21.75 -20.52
CA GLY A 29 19.51 22.77 -20.43
C GLY A 29 19.06 24.18 -20.71
N TYR A 30 17.81 24.39 -21.11
CA TYR A 30 17.32 25.72 -21.41
C TYR A 30 17.17 26.54 -20.12
N GLU A 31 17.35 27.86 -20.27
CA GLU A 31 17.11 28.81 -19.17
C GLU A 31 15.66 29.28 -19.26
N VAL A 32 14.78 28.50 -18.64
CA VAL A 32 13.35 28.70 -18.78
C VAL A 32 12.83 29.65 -17.70
N TRP A 33 11.92 30.54 -18.10
CA TRP A 33 11.29 31.49 -17.20
C TRP A 33 9.77 31.30 -17.30
N CYS A 34 9.16 30.89 -16.21
CA CYS A 34 7.72 30.70 -16.16
C CYS A 34 7.20 31.24 -14.83
N ASP A 35 5.92 31.60 -14.81
CA ASP A 35 5.35 32.27 -13.65
C ASP A 35 5.29 31.38 -12.42
N ILE A 36 5.44 30.06 -12.59
CA ILE A 36 5.33 29.14 -11.46
C ILE A 36 6.69 28.71 -10.92
N LEU A 37 7.78 29.26 -11.44
CA LEU A 37 9.12 28.82 -11.06
C LEU A 37 9.72 29.64 -9.94
N PHE A 38 8.91 30.34 -9.16
CA PHE A 38 9.38 31.11 -8.03
C PHE A 38 8.34 31.07 -6.91
N LEU A 39 8.80 31.37 -5.71
CA LEU A 39 7.96 31.46 -4.52
C LEU A 39 8.09 32.84 -3.91
N ASP A 40 6.98 33.34 -3.36
CA ASP A 40 6.91 34.67 -2.78
C ASP A 40 7.30 35.74 -3.81
N LYS A 41 6.53 35.78 -4.88
CA LYS A 41 6.76 36.74 -5.95
C LYS A 41 6.15 38.11 -5.63
N PHE A 45 4.93 42.39 -9.03
CA PHE A 45 5.56 41.28 -9.73
C PHE A 45 5.64 41.56 -11.23
N TRP A 46 4.74 42.43 -11.71
CA TRP A 46 4.75 42.76 -13.14
C TRP A 46 5.99 43.54 -13.55
N SER A 47 6.62 44.26 -12.62
CA SER A 47 7.87 44.94 -12.94
C SER A 47 8.95 43.92 -13.30
N THR A 48 9.01 42.81 -12.56
CA THR A 48 9.99 41.77 -12.85
C THR A 48 9.62 41.00 -14.11
N ILE A 49 8.34 40.66 -14.28
CA ILE A 49 7.92 39.87 -15.44
C ILE A 49 8.21 40.61 -16.73
N GLU A 50 7.83 41.89 -16.78
CA GLU A 50 8.03 42.67 -17.98
C GLU A 50 9.51 42.87 -18.27
N LYS A 51 10.33 42.94 -17.23
CA LYS A 51 11.77 43.12 -17.41
C LYS A 51 12.38 41.93 -18.15
N GLU A 52 11.97 40.71 -17.78
CA GLU A 52 12.52 39.52 -18.42
C GLU A 52 12.15 39.44 -19.89
N ILE A 53 10.89 39.77 -20.22
CA ILE A 53 10.44 39.67 -21.59
C ILE A 53 11.17 40.69 -22.47
N ARG A 54 11.37 41.91 -21.97
CA ARG A 54 11.91 42.97 -22.80
C ARG A 54 13.37 42.70 -23.17
N GLU A 55 14.18 42.27 -22.21
CA GLU A 55 15.61 42.11 -22.43
C GLU A 55 16.09 40.68 -22.27
N ASN A 56 15.68 39.99 -21.20
CA ASN A 56 16.21 38.67 -20.90
C ASN A 56 15.67 37.57 -21.80
N THR A 57 14.40 37.66 -22.21
CA THR A 57 13.73 36.59 -22.94
C THR A 57 14.24 36.53 -24.37
N CYS A 58 14.60 35.33 -24.82
CA CYS A 58 14.97 35.14 -26.22
C CYS A 58 13.85 34.48 -27.01
N LYS A 59 13.06 33.62 -26.37
CA LYS A 59 11.92 32.99 -26.99
C LYS A 59 10.72 33.07 -26.06
N PHE A 60 9.54 33.29 -26.63
CA PHE A 60 8.32 33.47 -25.88
C PHE A 60 7.26 32.50 -26.39
N LEU A 61 6.52 31.90 -25.46
CA LEU A 61 5.49 30.92 -25.82
C LEU A 61 4.20 31.22 -25.06
N ILE A 62 3.08 30.91 -25.69
CA ILE A 62 1.77 30.97 -25.04
C ILE A 62 1.12 29.60 -25.16
N VAL A 63 0.21 29.32 -24.23
CA VAL A 63 -0.54 28.07 -24.21
C VAL A 63 -1.93 28.38 -24.75
N SER A 64 -2.15 28.07 -26.03
CA SER A 64 -3.40 28.42 -26.72
C SER A 64 -4.46 27.37 -26.40
N SER A 65 -5.03 27.47 -25.20
CA SER A 65 -6.14 26.64 -24.78
C SER A 65 -7.38 27.50 -24.60
N THR A 66 -8.54 26.84 -24.55
CA THR A 66 -9.80 27.57 -24.40
C THR A 66 -9.84 28.32 -23.08
N ALA A 67 -9.41 27.69 -22.00
CA ALA A 67 -9.41 28.36 -20.69
C ALA A 67 -8.48 29.56 -20.68
N GLY A 68 -7.29 29.41 -21.27
CA GLY A 68 -6.33 30.48 -21.34
C GLY A 68 -6.42 31.36 -22.57
N ASN A 69 -7.42 31.15 -23.42
CA ASN A 69 -7.54 31.94 -24.64
C ASN A 69 -7.75 33.42 -24.33
N LYS A 70 -8.66 33.73 -23.42
CA LYS A 70 -8.99 35.09 -23.04
C LYS A 70 -8.67 35.25 -21.55
N ARG A 71 -7.42 35.56 -21.25
CA ARG A 71 -6.96 35.81 -19.89
C ARG A 71 -6.19 37.11 -19.88
N GLU A 72 -6.53 37.99 -18.93
CA GLU A 72 -5.88 39.29 -18.86
C GLU A 72 -4.38 39.16 -18.69
N GLY A 73 -3.95 38.27 -17.81
CA GLY A 73 -2.52 38.08 -17.61
C GLY A 73 -1.82 37.61 -18.87
N VAL A 74 -2.33 36.55 -19.49
CA VAL A 74 -1.67 35.99 -20.66
C VAL A 74 -1.81 36.93 -21.86
N LEU A 75 -2.93 37.66 -21.95
CA LEU A 75 -3.09 38.61 -23.05
C LEU A 75 -2.10 39.77 -22.92
N LYS A 76 -1.87 40.24 -21.70
CA LYS A 76 -0.90 41.31 -21.50
C LYS A 76 0.54 40.80 -21.69
N GLU A 77 0.80 39.55 -21.32
CA GLU A 77 2.06 38.93 -21.72
C GLU A 77 2.21 38.90 -23.24
N LEU A 78 1.14 38.56 -23.95
CA LEU A 78 1.18 38.52 -25.40
C LEU A 78 1.46 39.91 -25.97
N ALA A 79 0.87 40.94 -25.36
CA ALA A 79 1.10 42.30 -25.83
C ALA A 79 2.55 42.72 -25.66
N VAL A 80 3.11 42.53 -24.46
CA VAL A 80 4.50 42.93 -24.26
C VAL A 80 5.44 42.08 -25.12
N ALA A 81 5.10 40.80 -25.31
CA ALA A 81 5.91 39.95 -26.16
C ALA A 81 5.82 40.39 -27.62
N THR A 82 4.66 40.87 -28.06
CA THR A 82 4.54 41.42 -29.39
C THR A 82 5.42 42.66 -29.56
N LYS A 83 5.45 43.51 -28.53
CA LYS A 83 6.35 44.67 -28.57
C LYS A 83 7.80 44.23 -28.71
N VAL A 84 8.21 43.23 -27.91
CA VAL A 84 9.60 42.77 -27.99
C VAL A 84 9.87 42.11 -29.34
N LYS A 85 8.89 41.40 -29.89
CA LYS A 85 9.06 40.79 -31.21
C LYS A 85 9.25 41.84 -32.28
N LYS A 86 8.46 42.92 -32.24
CA LYS A 86 8.65 44.01 -33.18
C LYS A 86 10.02 44.65 -33.02
N HIS A 87 10.48 44.80 -31.77
CA HIS A 87 11.80 45.37 -31.55
C HIS A 87 12.90 44.46 -32.10
N LEU A 88 12.76 43.15 -31.93
CA LEU A 88 13.80 42.19 -32.31
C LEU A 88 13.61 41.60 -33.69
N GLN A 89 12.60 42.06 -34.44
CA GLN A 89 12.26 41.55 -35.78
C GLN A 89 12.45 40.05 -35.89
N ASP A 90 11.82 39.31 -34.98
CA ASP A 90 11.84 37.85 -35.01
C ASP A 90 10.46 37.36 -35.47
N ASP A 91 10.45 36.58 -36.56
CA ASP A 91 9.18 36.12 -37.11
C ASP A 91 8.47 35.11 -36.21
N MET A 92 9.21 34.39 -35.37
CA MET A 92 8.64 33.37 -34.50
C MET A 92 9.07 33.60 -33.06
N PHE A 93 9.13 34.86 -32.63
CA PHE A 93 9.46 35.16 -31.24
C PHE A 93 8.39 34.60 -30.30
N ILE A 94 7.12 34.72 -30.68
CA ILE A 94 6.01 34.22 -29.88
C ILE A 94 5.46 32.98 -30.57
N ILE A 95 5.31 31.91 -29.79
CA ILE A 95 4.98 30.58 -30.31
C ILE A 95 3.71 30.08 -29.61
N PRO A 96 2.64 29.81 -30.33
CA PRO A 96 1.48 29.16 -29.71
C PRO A 96 1.78 27.71 -29.37
N LEU A 97 1.19 27.24 -28.26
CA LEU A 97 1.26 25.84 -27.85
C LEU A 97 -0.17 25.39 -27.59
N ALA A 98 -0.85 24.95 -28.64
CA ALA A 98 -2.27 24.61 -28.55
C ALA A 98 -2.40 23.21 -27.96
N ILE A 99 -2.87 23.14 -26.71
CA ILE A 99 -3.03 21.85 -26.03
C ILE A 99 -4.47 21.42 -25.91
N ASP A 100 -5.43 22.28 -26.28
CA ASP A 100 -6.84 22.01 -26.05
C ASP A 100 -7.49 21.54 -27.34
N GLU A 101 -8.20 20.41 -27.28
CA GLU A 101 -8.90 19.89 -28.43
C GLU A 101 -10.18 20.66 -28.72
N ASN A 102 -10.89 21.09 -27.67
CA ASN A 102 -12.17 21.76 -27.85
C ASN A 102 -12.01 23.15 -28.46
N LEU A 103 -10.82 23.72 -28.44
CA LEU A 103 -10.60 25.04 -29.01
C LEU A 103 -10.74 24.97 -30.52
N SER A 104 -11.87 25.44 -31.05
CA SER A 104 -12.14 25.37 -32.47
C SER A 104 -11.36 26.45 -33.22
N TYR A 105 -11.32 26.31 -34.54
CA TYR A 105 -10.62 27.28 -35.38
C TYR A 105 -11.34 28.63 -35.36
N ASP A 106 -10.57 29.68 -35.63
CA ASP A 106 -11.06 31.06 -35.67
C ASP A 106 -11.62 31.51 -34.32
N ASP A 107 -11.25 30.82 -33.24
CA ASP A 107 -11.63 31.21 -31.89
C ASP A 107 -10.44 31.60 -31.03
N ILE A 108 -9.22 31.46 -31.54
CA ILE A 108 -8.00 31.76 -30.79
C ILE A 108 -7.77 33.27 -30.90
N ASN A 109 -6.88 33.79 -30.05
CA ASN A 109 -6.52 35.20 -30.13
C ASN A 109 -6.01 35.55 -31.53
N ILE A 110 -6.45 36.70 -32.05
CA ILE A 110 -6.18 37.07 -33.42
C ILE A 110 -4.68 37.15 -33.68
N GLU A 111 -3.90 37.56 -32.68
CA GLU A 111 -2.45 37.60 -32.84
C GLU A 111 -1.82 36.21 -32.89
N ILE A 112 -2.60 35.16 -32.65
CA ILE A 112 -2.08 33.81 -32.53
C ILE A 112 -2.54 32.91 -33.68
N VAL A 113 -3.77 33.10 -34.16
CA VAL A 113 -4.30 32.23 -35.22
C VAL A 113 -3.42 32.29 -36.46
N ARG A 114 -2.90 33.48 -36.77
CA ARG A 114 -2.04 33.64 -37.95
C ARG A 114 -0.68 32.96 -37.78
N LEU A 115 -0.34 32.50 -36.59
CA LEU A 115 0.93 31.83 -36.37
C LEU A 115 0.75 30.31 -36.27
N ILE A 118 2.70 25.16 -33.44
CA ILE A 118 2.97 23.92 -32.72
C ILE A 118 1.78 23.55 -31.86
N ASP A 119 1.27 22.34 -32.05
CA ASP A 119 0.08 21.86 -31.34
C ASP A 119 0.43 20.66 -30.48
N PHE A 120 -0.20 20.59 -29.31
CA PHE A 120 -0.06 19.45 -28.41
C PHE A 120 -1.35 18.66 -28.28
N LYS A 121 -2.30 18.88 -29.18
CA LYS A 121 -3.62 18.26 -29.05
C LYS A 121 -3.53 16.73 -29.15
N LYS A 122 -2.74 16.23 -30.09
CA LYS A 122 -2.63 14.79 -30.26
C LYS A 122 -1.84 14.15 -29.12
N SER A 123 -0.70 14.74 -28.77
CA SER A 123 0.15 14.19 -27.72
C SER A 123 1.20 15.21 -27.29
N TRP A 124 1.46 15.31 -25.99
CA TRP A 124 2.45 16.27 -25.52
C TRP A 124 3.85 15.90 -25.96
N ALA A 125 4.11 14.63 -26.24
CA ALA A 125 5.43 14.24 -26.73
C ALA A 125 5.67 14.77 -28.14
N LYS A 126 4.68 14.60 -29.02
CA LYS A 126 4.79 15.14 -30.37
C LYS A 126 4.92 16.65 -30.34
N GLY A 127 4.12 17.31 -29.50
CA GLY A 127 4.22 18.75 -29.38
C GLY A 127 5.57 19.20 -28.86
N LEU A 128 6.12 18.48 -27.88
CA LEU A 128 7.42 18.84 -27.34
C LEU A 128 8.50 18.64 -28.38
N GLN A 129 8.39 17.59 -29.19
CA GLN A 129 9.37 17.38 -30.26
C GLN A 129 9.28 18.49 -31.30
N ASP A 130 8.06 18.89 -31.67
CA ASP A 130 7.92 20.00 -32.61
C ASP A 130 8.50 21.28 -32.02
N LEU A 131 8.24 21.54 -30.74
CA LEU A 131 8.78 22.73 -30.09
C LEU A 131 10.30 22.68 -30.03
N LEU A 132 10.86 21.49 -29.77
CA LEU A 132 12.30 21.36 -29.68
C LEU A 132 12.97 21.59 -31.04
N ASP A 133 12.39 21.03 -32.11
CA ASP A 133 12.99 21.27 -33.41
C ASP A 133 12.82 22.73 -33.85
N ALA A 134 11.70 23.36 -33.50
CA ALA A 134 11.55 24.78 -33.76
C ALA A 134 12.58 25.60 -33.00
N PHE A 135 12.86 25.21 -31.76
CA PHE A 135 13.91 25.88 -30.99
C PHE A 135 15.28 25.68 -31.64
N GLU A 136 15.55 24.48 -32.14
CA GLU A 136 16.86 24.20 -32.72
C GLU A 136 17.05 24.92 -34.04
N LYS A 137 15.98 25.06 -34.84
CA LYS A 137 16.09 25.76 -36.10
C LYS A 137 16.51 27.21 -35.88
N GLN A 138 15.92 27.88 -34.91
CA GLN A 138 16.40 29.18 -34.49
C GLN A 138 17.66 29.02 -33.65
N ASN A 139 18.42 30.10 -33.54
CA ASN A 139 19.63 30.08 -32.70
C ASN A 139 19.22 30.38 -31.26
N VAL A 140 18.62 29.37 -30.64
CA VAL A 140 18.20 29.45 -29.24
C VAL A 140 19.37 29.06 -28.36
N PRO A 141 19.89 29.96 -27.53
CA PRO A 141 20.99 29.58 -26.64
C PRO A 141 20.52 28.59 -25.59
N LYS A 142 21.42 27.66 -25.25
CA LYS A 142 21.10 26.62 -24.29
C LYS A 142 22.38 26.12 -23.64
N LYS A 143 22.22 25.48 -22.50
CA LYS A 143 23.30 24.84 -21.77
C LYS A 143 23.25 23.34 -21.99
N PRO A 144 24.32 22.63 -21.68
CA PRO A 144 24.29 21.17 -21.76
C PRO A 144 23.17 20.60 -20.91
N PRO A 145 22.49 19.55 -21.37
CA PRO A 145 21.33 19.03 -20.63
C PRO A 145 21.66 18.69 -19.18
N ASP A 146 21.07 19.44 -18.26
CA ASP A 146 21.32 19.31 -16.82
C ASP A 146 19.99 19.07 -16.13
N HIS A 147 19.64 17.79 -15.94
CA HIS A 147 18.44 17.45 -15.21
C HIS A 147 18.61 17.61 -13.70
N SER A 148 19.83 17.77 -13.22
CA SER A 148 20.04 17.98 -11.78
C SER A 148 19.40 19.28 -11.32
N LYS A 149 19.57 20.36 -12.09
CA LYS A 149 18.94 21.62 -11.72
C LYS A 149 17.42 21.57 -11.91
N SER A 150 16.94 20.79 -12.88
CA SER A 150 15.50 20.59 -13.00
C SER A 150 14.94 19.88 -11.78
N ASN A 151 15.63 18.85 -11.30
CA ASN A 151 15.20 18.18 -10.08
C ASN A 151 15.28 19.10 -8.88
N LEU A 152 16.33 19.93 -8.80
CA LEU A 152 16.45 20.87 -7.71
C LEU A 152 15.30 21.86 -7.70
N LEU A 153 14.93 22.37 -8.88
CA LEU A 153 13.78 23.26 -8.97
C LEU A 153 12.49 22.54 -8.61
N TYR A 154 12.35 21.28 -9.03
CA TYR A 154 11.16 20.53 -8.70
C TYR A 154 11.01 20.34 -7.19
N GLN A 155 12.12 20.08 -6.51
CA GLN A 155 12.07 19.92 -5.06
C GLN A 155 11.87 21.26 -4.35
N GLN A 156 12.49 22.33 -4.87
CA GLN A 156 12.45 23.62 -4.19
C GLN A 156 11.13 24.35 -4.38
N ILE A 157 10.47 24.18 -5.53
CA ILE A 157 9.28 24.94 -5.87
C ILE A 157 8.02 24.09 -5.74
N PHE A 158 7.99 22.93 -6.39
CA PHE A 158 6.78 22.13 -6.42
C PHE A 158 6.64 21.18 -5.23
N LEU A 159 7.70 21.00 -4.44
CA LEU A 159 7.65 20.15 -3.25
C LEU A 159 8.04 20.93 -2.01
N HIS A 160 7.92 22.25 -2.04
CA HIS A 160 8.24 23.05 -0.87
C HIS A 160 7.17 22.92 0.21
N ASP A 161 5.90 22.86 -0.20
CA ASP A 161 4.80 22.68 0.73
C ASP A 161 4.49 21.22 1.01
N LYS A 162 5.22 20.30 0.38
CA LYS A 162 5.00 18.87 0.55
C LYS A 162 6.11 18.20 1.34
N GLN A 163 6.84 18.96 2.15
CA GLN A 163 7.92 18.42 2.95
C GLN A 163 7.40 17.97 4.32
N ALA A 164 8.31 17.57 5.20
CA ALA A 164 7.97 17.15 6.55
C ALA A 164 8.57 18.12 7.55
N ILE A 165 7.75 18.63 8.45
CA ILE A 165 8.22 19.55 9.48
C ILE A 165 9.10 18.77 10.45
N GLU A 166 10.05 19.46 11.08
CA GLU A 166 10.76 18.91 12.24
C GLU A 166 10.06 19.35 13.53
N LYS A 167 8.75 19.13 13.55
CA LYS A 167 7.92 19.54 14.69
C LYS A 167 7.62 18.34 15.56
N GLU A 168 7.57 18.57 16.87
CA GLU A 168 7.37 17.50 17.84
C GLU A 168 5.92 17.07 17.91
N TYR A 171 1.67 11.05 20.03
CA TYR A 171 0.68 10.23 19.35
C TYR A 171 -0.05 9.32 20.33
N ASP A 172 -1.37 9.21 20.18
CA ASP A 172 -2.18 8.39 21.05
C ASP A 172 -2.30 6.99 20.46
N SER A 173 -1.78 6.00 21.19
CA SER A 173 -1.81 4.62 20.73
C SER A 173 -3.16 3.99 20.98
N ASN A 174 -3.26 2.69 20.70
CA ASN A 174 -4.30 1.84 21.27
C ASN A 174 -3.71 0.91 22.32
N TRP A 175 -2.52 1.24 22.82
CA TRP A 175 -1.81 0.43 23.81
C TRP A 175 -1.96 1.09 25.16
N PHE A 176 -2.79 0.48 26.01
CA PHE A 176 -3.08 1.04 27.33
C PHE A 176 -2.18 0.37 28.37
N PRO A 177 -1.36 1.14 29.07
CA PRO A 177 -0.38 0.52 29.98
C PRO A 177 -1.02 -0.18 31.16
N ILE A 178 -0.29 -1.12 31.73
CA ILE A 178 -0.67 -1.79 32.96
C ILE A 178 0.26 -1.28 34.05
N ILE A 179 -0.23 -0.36 34.87
CA ILE A 179 0.62 0.23 35.90
C ILE A 179 0.91 -0.78 37.00
N SER A 180 -0.10 -1.54 37.42
CA SER A 180 0.05 -2.47 38.52
C SER A 180 -0.51 -3.84 38.15
N PHE A 181 0.11 -4.88 38.68
CA PHE A 181 -0.27 -6.26 38.51
C PHE A 181 -0.47 -6.91 39.86
N PRO A 182 -1.30 -7.96 39.95
CA PRO A 182 -1.36 -8.74 41.18
C PRO A 182 0.02 -9.32 41.49
N ASN A 183 0.37 -9.33 42.77
CA ASN A 183 1.75 -9.60 43.16
C ASN A 183 2.15 -11.05 42.87
N GLU A 184 1.21 -11.99 42.92
CA GLU A 184 1.54 -13.40 42.78
C GLU A 184 0.66 -14.06 41.72
N LEU A 185 1.28 -14.95 40.96
CA LEU A 185 0.57 -15.82 40.02
C LEU A 185 0.48 -17.20 40.63
N ARG A 186 -0.73 -17.74 40.75
CA ARG A 186 -0.98 -18.93 41.55
C ARG A 186 -1.43 -20.10 40.68
N PHE A 187 -0.88 -21.27 40.95
CA PHE A 187 -1.29 -22.52 40.32
C PHE A 187 -1.93 -23.40 41.39
N HIS A 188 -3.16 -23.84 41.13
CA HIS A 188 -3.91 -24.69 42.03
C HIS A 188 -3.83 -26.14 41.58
N ARG A 189 -3.77 -27.05 42.55
CA ARG A 189 -3.78 -28.48 42.30
C ARG A 189 -4.80 -29.14 43.22
N TYR A 190 -5.51 -30.12 42.68
CA TYR A 190 -6.56 -30.83 43.39
C TYR A 190 -6.20 -32.31 43.48
N ASP A 191 -6.77 -32.97 44.49
CA ASP A 191 -6.49 -34.39 44.71
C ASP A 191 -6.93 -35.24 43.52
N TRP A 192 -8.13 -34.97 43.01
CA TRP A 192 -8.66 -35.68 41.86
C TRP A 192 -8.54 -34.81 40.62
N ARG A 193 -8.19 -35.43 39.50
CA ARG A 193 -8.10 -34.71 38.24
C ARG A 193 -9.48 -34.22 37.82
N LEU A 194 -9.54 -32.98 37.33
CA LEU A 194 -10.80 -32.42 36.87
C LEU A 194 -11.30 -33.21 35.66
N PRO A 195 -12.62 -33.35 35.52
CA PRO A 195 -13.16 -34.09 34.37
C PRO A 195 -12.78 -33.42 33.05
N LYS A 196 -12.55 -34.26 32.03
CA LYS A 196 -12.26 -33.73 30.71
C LYS A 196 -13.43 -32.94 30.16
N GLN A 197 -14.66 -33.41 30.41
CA GLN A 197 -15.84 -32.67 29.97
C GLN A 197 -16.03 -31.39 30.76
N PHE A 198 -15.41 -31.26 31.93
CA PHE A 198 -15.49 -30.03 32.71
C PHE A 198 -14.66 -28.95 32.01
N ASP A 199 -15.34 -27.94 31.49
CA ASP A 199 -14.68 -26.88 30.73
C ASP A 199 -14.25 -25.76 31.68
N VAL A 200 -12.95 -25.44 31.67
CA VAL A 200 -12.47 -24.31 32.45
C VAL A 200 -12.98 -22.99 31.88
N ARG A 201 -13.36 -22.96 30.61
CA ARG A 201 -13.95 -21.75 30.03
C ARG A 201 -15.29 -21.42 30.66
N THR A 202 -15.97 -22.40 31.24
CA THR A 202 -17.22 -22.15 31.95
C THR A 202 -16.99 -21.67 33.38
N LEU A 203 -15.75 -21.67 33.85
CA LEU A 203 -15.46 -21.18 35.19
C LEU A 203 -15.72 -19.68 35.26
N ALA A 204 -16.33 -19.25 36.36
CA ALA A 204 -16.73 -17.85 36.50
C ALA A 204 -15.53 -16.91 36.59
N PHE A 205 -14.34 -17.44 36.80
CA PHE A 205 -13.13 -16.64 36.92
C PHE A 205 -12.10 -17.14 35.92
N PRO A 206 -11.16 -16.30 35.51
CA PRO A 206 -10.13 -16.74 34.57
C PRO A 206 -9.32 -17.90 35.14
N ALA A 207 -9.12 -18.93 34.31
CA ALA A 207 -8.41 -20.12 34.75
C ALA A 207 -7.96 -20.89 33.52
N ILE A 208 -6.68 -21.23 33.48
CA ILE A 208 -6.09 -21.91 32.34
C ILE A 208 -5.62 -23.28 32.79
N ARG A 209 -6.10 -24.33 32.14
CA ARG A 209 -5.68 -25.69 32.48
C ARG A 209 -4.26 -25.89 31.98
N TYR A 210 -3.28 -25.60 32.83
CA TYR A 210 -1.87 -25.74 32.47
C TYR A 210 -1.33 -27.00 33.13
N LYS A 211 -0.93 -27.97 32.29
CA LYS A 211 -0.52 -29.30 32.78
C LYS A 211 -1.70 -29.87 33.56
N GLU A 212 -1.47 -30.44 34.75
CA GLU A 212 -2.56 -30.78 35.64
C GLU A 212 -2.96 -29.62 36.55
N TYR A 213 -2.14 -28.58 36.62
CA TYR A 213 -2.41 -27.41 37.42
C TYR A 213 -3.45 -26.51 36.77
N LEU A 214 -4.04 -25.63 37.59
CA LEU A 214 -4.91 -24.56 37.10
C LEU A 214 -4.19 -23.24 37.36
N CYS A 215 -3.93 -22.51 36.28
CA CYS A 215 -3.25 -21.23 36.33
C CYS A 215 -4.25 -20.10 36.50
N THR A 216 -4.07 -19.31 37.56
CA THR A 216 -4.95 -18.19 37.89
C THR A 216 -4.12 -17.11 38.57
N PHE A 217 -4.75 -15.95 38.76
CA PHE A 217 -4.28 -14.96 39.72
C PHE A 217 -5.04 -15.04 41.04
N ALA A 218 -6.00 -15.96 41.13
CA ALA A 218 -7.03 -15.95 42.16
C ALA A 218 -6.67 -16.88 43.31
N TRP A 219 -7.65 -17.12 44.18
CA TRP A 219 -7.53 -17.96 45.37
C TRP A 219 -8.31 -19.25 45.16
N GLU A 220 -8.43 -20.04 46.24
CA GLU A 220 -9.13 -21.32 46.16
C GLU A 220 -10.63 -21.15 46.29
N TYR A 221 -11.08 -20.28 47.19
CA TYR A 221 -12.49 -20.18 47.57
C TYR A 221 -13.34 -19.49 46.51
N ASP A 222 -12.74 -18.91 45.48
CA ASP A 222 -13.53 -18.23 44.46
C ASP A 222 -14.47 -19.20 43.72
N PHE A 223 -13.95 -20.37 43.34
CA PHE A 223 -14.73 -21.36 42.62
C PHE A 223 -15.11 -22.54 43.49
N ILE A 224 -15.13 -22.36 44.82
CA ILE A 224 -15.43 -23.46 45.72
C ILE A 224 -16.86 -23.95 45.54
N HIS A 225 -17.77 -23.06 45.10
CA HIS A 225 -19.18 -23.41 44.97
C HIS A 225 -19.59 -23.75 43.55
N GLN A 226 -18.65 -23.76 42.59
CA GLN A 226 -18.97 -24.19 41.24
C GLN A 226 -18.21 -25.44 40.81
N LEU A 227 -17.11 -25.78 41.48
CA LEU A 227 -16.40 -27.00 41.18
C LEU A 227 -17.26 -28.21 41.57
N PRO A 228 -17.12 -29.32 40.85
CA PRO A 228 -17.89 -30.52 41.19
C PRO A 228 -17.57 -31.00 42.60
N LYS A 229 -18.59 -31.56 43.27
CA LYS A 229 -18.43 -32.05 44.63
C LYS A 229 -17.50 -33.25 44.70
N THR A 230 -17.20 -33.89 43.57
CA THR A 230 -16.29 -35.03 43.56
C THR A 230 -14.83 -34.60 43.56
N GLU A 231 -14.54 -33.30 43.48
CA GLU A 231 -13.19 -32.79 43.47
C GLU A 231 -12.85 -32.22 44.84
N THR A 232 -11.79 -32.71 45.45
CA THR A 232 -11.33 -32.26 46.76
C THR A 232 -10.07 -31.41 46.57
N TYR A 233 -10.08 -30.22 47.15
CA TYR A 233 -9.01 -29.25 46.95
C TYR A 233 -8.06 -29.24 48.13
N ASN A 234 -6.77 -29.14 47.85
CA ASN A 234 -5.73 -29.06 48.87
C ASN A 234 -5.03 -27.71 48.74
N GLY A 235 -4.87 -27.01 49.87
CA GLY A 235 -4.23 -25.71 49.83
C GLY A 235 -2.71 -25.76 49.82
N GLN A 236 -2.13 -26.93 50.09
CA GLN A 236 -0.68 -27.04 50.16
C GLN A 236 -0.01 -27.05 48.79
N GLU A 237 -0.64 -27.68 47.81
CA GLU A 237 0.00 -27.91 46.51
C GLU A 237 -0.11 -26.73 45.56
N SER A 238 -0.75 -25.64 45.97
CA SER A 238 -0.80 -24.44 45.16
C SER A 238 0.52 -23.68 45.25
N ILE A 239 1.06 -23.28 44.10
CA ILE A 239 2.38 -22.67 44.02
C ILE A 239 2.24 -21.26 43.45
N ARG A 240 2.87 -20.30 44.11
CA ARG A 240 2.78 -18.89 43.73
C ARG A 240 4.14 -18.38 43.26
N ILE A 241 4.12 -17.51 42.26
CA ILE A 241 5.33 -16.90 41.70
C ILE A 241 5.19 -15.38 41.80
N SER A 242 6.28 -14.71 42.16
CA SER A 242 6.27 -13.27 42.26
C SER A 242 6.22 -12.63 40.87
N THR A 243 5.20 -11.78 40.65
CA THR A 243 4.90 -11.24 39.34
C THR A 243 5.89 -10.17 38.89
N SER A 244 6.45 -9.40 39.83
CA SER A 244 7.38 -8.35 39.45
C SER A 244 8.59 -8.89 38.71
N ASP A 245 9.18 -9.98 39.22
CA ASP A 245 10.29 -10.63 38.54
C ASP A 245 9.85 -11.46 37.34
N ILE A 246 8.56 -11.71 37.20
CA ILE A 246 8.06 -12.31 35.96
C ILE A 246 8.26 -11.34 34.80
N LEU A 247 7.92 -10.06 35.02
CA LEU A 247 8.22 -9.03 34.04
C LEU A 247 9.72 -8.77 33.96
N SER A 248 10.40 -8.70 35.11
CA SER A 248 11.83 -8.46 35.12
C SER A 248 12.63 -9.60 34.50
N GLY A 249 12.03 -10.78 34.31
CA GLY A 249 12.73 -11.89 33.71
C GLY A 249 13.66 -12.63 34.63
N ARG A 250 13.72 -12.27 35.91
CA ARG A 250 14.62 -12.90 36.86
C ARG A 250 14.19 -14.31 37.24
N TYR A 251 12.97 -14.71 36.91
CA TYR A 251 12.44 -16.00 37.33
C TYR A 251 12.97 -17.10 36.43
N ASP A 252 13.43 -18.20 37.04
CA ASP A 252 14.03 -19.30 36.28
C ASP A 252 13.88 -20.59 37.08
N THR A 253 12.91 -21.42 36.71
CA THR A 253 12.77 -22.77 37.24
C THR A 253 12.42 -23.72 36.11
N ASP A 254 12.66 -25.01 36.35
CA ASP A 254 12.35 -26.02 35.34
C ASP A 254 10.86 -26.21 35.18
N PHE A 255 10.08 -25.98 36.25
CA PHE A 255 8.64 -26.19 36.20
C PHE A 255 7.98 -25.24 35.23
N ILE A 256 8.40 -23.97 35.22
CA ILE A 256 7.83 -22.95 34.35
C ILE A 256 8.94 -21.99 33.96
N ARG A 257 8.94 -21.58 32.68
CA ARG A 257 9.93 -20.66 32.16
C ARG A 257 9.30 -19.31 31.86
N ASN A 258 10.15 -18.28 31.80
CA ASN A 258 9.68 -16.90 31.66
C ASN A 258 8.87 -16.72 30.37
N TYR A 259 9.34 -17.31 29.27
CA TYR A 259 8.61 -17.23 28.01
C TYR A 259 7.20 -17.80 28.16
N GLU A 260 7.03 -18.78 29.05
CA GLU A 260 5.70 -19.30 29.32
C GLU A 260 4.97 -18.46 30.36
N CYS A 261 5.71 -17.82 31.28
CA CYS A 261 5.08 -16.93 32.25
C CYS A 261 4.33 -15.80 31.56
N GLN A 262 5.01 -15.11 30.64
CA GLN A 262 4.39 -13.96 30.00
C GLN A 262 3.20 -14.39 29.13
N ARG A 263 3.33 -15.52 28.43
CA ARG A 263 2.23 -16.00 27.60
C ARG A 263 1.03 -16.41 28.46
N LEU A 264 1.30 -17.06 29.60
CA LEU A 264 0.22 -17.41 30.52
C LEU A 264 -0.49 -16.16 31.03
N ILE A 265 0.29 -15.13 31.38
CA ILE A 265 -0.31 -13.86 31.79
C ILE A 265 -1.13 -13.27 30.65
N VAL A 266 -0.69 -13.49 29.40
CA VAL A 266 -1.43 -12.97 28.25
C VAL A 266 -2.82 -13.60 28.17
N GLN A 267 -2.91 -14.93 28.22
CA GLN A 267 -4.25 -15.50 28.13
C GLN A 267 -5.05 -15.24 29.39
N LEU A 268 -4.38 -15.08 30.54
CA LEU A 268 -5.08 -14.67 31.75
C LEU A 268 -5.74 -13.32 31.58
N ILE A 269 -5.01 -12.36 31.00
CA ILE A 269 -5.56 -11.03 30.75
C ILE A 269 -6.69 -11.10 29.73
N ASN A 270 -6.51 -11.90 28.68
CA ASN A 270 -7.56 -12.03 27.67
C ASN A 270 -8.85 -12.58 28.27
N LYS A 271 -8.74 -13.64 29.07
CA LYS A 271 -9.94 -14.21 29.70
C LYS A 271 -10.52 -13.26 30.73
N ALA A 272 -9.66 -12.51 31.44
CA ALA A 272 -10.16 -11.53 32.40
C ALA A 272 -10.97 -10.45 31.70
N PHE A 273 -10.48 -9.98 30.56
CA PHE A 273 -11.23 -9.01 29.77
C PHE A 273 -12.55 -9.59 29.27
N GLU A 274 -12.51 -10.83 28.76
CA GLU A 274 -13.72 -11.45 28.24
C GLU A 274 -14.77 -11.63 29.31
N LEU A 275 -14.34 -11.99 30.53
CA LEU A 275 -15.28 -12.12 31.64
C LEU A 275 -15.74 -10.77 32.18
N ARG A 276 -14.85 -9.77 32.19
CA ARG A 276 -15.24 -8.43 32.59
C ARG A 276 -16.31 -7.87 31.67
N MET A 277 -16.28 -8.25 30.39
CA MET A 277 -17.28 -7.70 29.48
C MET A 277 -18.65 -8.33 29.67
N LYS A 278 -18.81 -9.20 30.67
CA LYS A 278 -20.13 -9.67 31.08
C LYS A 278 -20.74 -8.76 32.13
N ASP A 279 -19.93 -8.16 33.00
CA ASP A 279 -20.40 -7.21 34.00
C ASP A 279 -20.22 -5.76 33.55
N LYS A 280 -19.75 -5.55 32.33
CA LYS A 280 -19.58 -4.21 31.77
C LYS A 280 -20.75 -3.78 30.91
N ASN A 281 -21.79 -4.59 30.81
CA ASN A 281 -23.01 -4.29 30.05
C ASN A 281 -22.65 -4.01 28.59
N VAL A 282 -22.14 -5.06 27.95
CA VAL A 282 -21.70 -5.03 26.56
C VAL A 282 -22.11 -6.34 25.90
N ARG A 283 -22.65 -6.25 24.68
CA ARG A 283 -23.09 -7.41 23.92
C ARG A 283 -21.93 -7.98 23.11
N GLU A 284 -22.11 -9.22 22.68
CA GLU A 284 -21.06 -10.01 22.07
C GLU A 284 -21.35 -10.28 20.59
N TYR A 285 -20.27 -10.57 19.86
CA TYR A 285 -20.32 -10.86 18.44
C TYR A 285 -19.31 -11.94 18.09
N GLN A 286 -19.73 -12.86 17.22
CA GLN A 286 -18.90 -13.96 16.75
C GLN A 286 -18.18 -13.54 15.47
N MET A 287 -16.86 -13.54 15.51
CA MET A 287 -16.03 -13.36 14.33
C MET A 287 -15.14 -14.60 14.16
N SER A 288 -14.21 -14.51 13.22
CA SER A 288 -13.38 -15.67 12.88
C SER A 288 -12.52 -16.11 14.06
N LYS A 289 -11.94 -15.15 14.77
CA LYS A 289 -10.90 -15.45 15.76
C LYS A 289 -11.35 -15.32 17.20
N THR A 290 -12.03 -14.24 17.58
CA THR A 290 -12.25 -13.93 18.98
C THR A 290 -13.67 -13.39 19.18
N PHE A 291 -13.89 -12.81 20.35
CA PHE A 291 -15.16 -12.20 20.70
C PHE A 291 -15.12 -10.70 20.45
N ALA A 292 -16.06 -10.19 19.66
CA ALA A 292 -16.22 -8.75 19.51
C ALA A 292 -17.21 -8.25 20.55
N TYR A 293 -16.93 -7.07 21.11
CA TYR A 293 -17.70 -6.55 22.24
C TYR A 293 -18.21 -5.16 21.89
N TRP A 294 -19.52 -5.05 21.66
CA TRP A 294 -20.13 -3.81 21.18
C TRP A 294 -21.22 -3.35 22.13
N ILE A 295 -21.69 -2.12 21.91
CA ILE A 295 -22.69 -1.47 22.76
C ILE A 295 -24.03 -1.50 22.03
N GLU A 296 -25.07 -1.92 22.74
CA GLU A 296 -26.38 -2.10 22.14
C GLU A 296 -27.09 -0.76 21.95
N LYS A 297 -27.87 -0.67 20.88
CA LYS A 297 -28.72 0.50 20.68
C LYS A 297 -29.84 0.53 21.72
N GLY A 298 -30.16 1.74 22.17
CA GLY A 298 -31.14 1.92 23.22
C GLY A 298 -30.57 1.92 24.63
N LYS A 299 -29.28 1.64 24.78
CA LYS A 299 -28.63 1.60 26.08
C LYS A 299 -27.85 2.87 26.37
N LEU A 300 -27.05 3.35 25.42
CA LEU A 300 -26.19 4.50 25.63
C LEU A 300 -26.98 5.78 25.40
N GLU A 301 -26.63 6.81 26.16
CA GLU A 301 -27.31 8.10 26.08
C GLU A 301 -27.15 8.69 24.69
N LYS A 302 -28.27 8.77 23.96
CA LYS A 302 -28.32 9.26 22.58
C LYS A 302 -27.19 8.67 21.72
N ASP A 303 -26.81 7.43 22.04
CA ASP A 303 -25.73 6.73 21.35
C ASP A 303 -24.42 7.50 21.40
N LYS A 304 -24.18 8.22 22.50
CA LYS A 304 -22.99 9.03 22.67
C LYS A 304 -22.44 8.81 24.08
N PHE A 305 -21.17 9.14 24.26
CA PHE A 305 -20.54 9.03 25.57
C PHE A 305 -19.39 10.03 25.59
N GLU A 306 -19.44 10.99 26.52
CA GLU A 306 -18.58 12.17 26.52
C GLU A 306 -18.60 12.88 25.17
N LYS A 307 -19.78 12.86 24.53
CA LYS A 307 -20.02 13.55 23.26
C LYS A 307 -19.24 12.92 22.10
N ILE A 308 -18.91 11.64 22.20
CA ILE A 308 -18.45 10.85 21.06
C ILE A 308 -19.50 9.79 20.77
N LYS A 309 -20.00 9.78 19.55
CA LYS A 309 -20.95 8.75 19.13
C LYS A 309 -20.27 7.38 19.09
N LEU A 310 -21.03 6.35 19.44
CA LEU A 310 -20.51 4.99 19.41
C LEU A 310 -21.44 4.07 18.64
N VAL A 311 -22.72 4.45 18.53
CA VAL A 311 -23.71 3.68 17.80
C VAL A 311 -24.42 4.62 16.82
N GLY A 312 -24.70 4.12 15.62
CA GLY A 312 -25.31 4.94 14.61
C GLY A 312 -26.05 4.13 13.58
N LYS A 313 -26.52 4.81 12.54
CA LYS A 313 -27.37 4.24 11.51
C LYS A 313 -26.62 4.18 10.18
N GLN A 314 -26.87 3.13 9.40
CA GLN A 314 -26.32 2.94 8.06
C GLN A 314 -27.39 2.23 7.22
N LYS A 315 -28.13 3.00 6.42
CA LYS A 315 -29.19 2.48 5.56
C LYS A 315 -30.20 1.87 6.54
N ASN A 316 -30.72 0.66 6.32
CA ASN A 316 -31.62 0.09 7.32
C ASN A 316 -30.88 -0.70 8.39
N LYS A 317 -29.55 -0.78 8.31
CA LYS A 317 -28.75 -1.44 9.34
C LYS A 317 -28.33 -0.41 10.39
N TYR A 318 -27.89 -0.92 11.54
CA TYR A 318 -27.41 -0.08 12.63
C TYR A 318 -26.02 -0.54 13.01
N TRP A 319 -25.06 0.37 12.96
CA TRP A 319 -23.67 0.05 13.27
C TRP A 319 -23.37 0.37 14.73
N HIS A 320 -22.63 -0.53 15.37
CA HIS A 320 -22.22 -0.38 16.75
C HIS A 320 -20.70 -0.53 16.79
N PHE A 321 -20.04 0.48 17.35
CA PHE A 321 -18.58 0.48 17.43
C PHE A 321 -18.16 -0.43 18.58
N GLY A 322 -17.75 -1.66 18.26
CA GLY A 322 -17.31 -2.61 19.24
C GLY A 322 -15.78 -2.68 19.27
N ILE A 323 -15.28 -3.37 20.29
CA ILE A 323 -13.85 -3.55 20.46
C ILE A 323 -13.54 -4.98 20.85
N SER A 324 -12.27 -5.35 20.67
CA SER A 324 -11.70 -6.58 21.20
C SER A 324 -10.36 -6.22 21.84
N ALA A 325 -9.88 -7.09 22.72
CA ALA A 325 -8.67 -6.77 23.48
C ALA A 325 -7.70 -7.93 23.45
N ALA A 326 -6.42 -7.60 23.65
CA ALA A 326 -5.37 -8.59 23.72
C ALA A 326 -4.20 -8.00 24.50
N GLY A 327 -3.75 -8.71 25.52
CA GLY A 327 -2.66 -8.20 26.33
C GLY A 327 -1.30 -8.43 25.71
N LYS A 328 -0.30 -7.76 26.29
CA LYS A 328 1.10 -8.02 25.96
C LYS A 328 1.93 -7.42 27.08
N LEU A 329 3.17 -7.91 27.21
CA LEU A 329 4.05 -7.47 28.28
C LEU A 329 5.41 -7.00 27.74
N TYR A 330 5.47 -6.62 26.47
CA TYR A 330 6.67 -6.03 25.90
C TYR A 330 6.34 -4.78 25.08
N SER A 332 7.02 -3.13 27.73
CA SER A 332 6.15 -2.57 28.76
C SER A 332 4.78 -3.27 28.73
N PRO A 333 4.24 -3.55 29.92
CA PRO A 333 2.95 -4.27 29.99
C PRO A 333 1.80 -3.41 29.54
N VAL A 334 1.21 -3.72 28.39
CA VAL A 334 0.11 -2.96 27.82
C VAL A 334 -0.98 -3.90 27.36
N LEU A 335 -2.10 -3.32 26.94
CA LEU A 335 -3.18 -4.04 26.30
C LEU A 335 -3.55 -3.31 25.03
N MET A 336 -3.69 -4.05 23.92
CA MET A 336 -4.15 -3.46 22.67
C MET A 336 -5.63 -3.72 22.50
N VAL A 337 -6.34 -2.69 22.03
CA VAL A 337 -7.76 -2.79 21.72
C VAL A 337 -7.92 -2.59 20.22
N SER A 338 -8.51 -3.58 19.56
CA SER A 338 -8.82 -3.52 18.14
C SER A 338 -10.26 -3.04 17.98
N SER A 339 -10.47 -2.11 17.06
CA SER A 339 -11.78 -1.50 16.86
C SER A 339 -12.49 -2.16 15.70
N HIS A 340 -13.69 -2.67 15.97
CA HIS A 340 -14.53 -3.29 14.95
C HIS A 340 -15.85 -2.53 14.90
N ILE A 341 -16.57 -2.71 13.81
CA ILE A 341 -17.88 -2.10 13.64
C ILE A 341 -18.86 -3.20 13.27
N ILE A 342 -19.81 -3.48 14.16
CA ILE A 342 -20.69 -4.64 14.04
C ILE A 342 -22.11 -4.14 13.80
N PHE A 343 -22.80 -4.69 12.81
CA PHE A 343 -24.13 -4.21 12.50
C PHE A 343 -25.21 -5.14 13.03
N THR A 344 -26.35 -4.54 13.33
CA THR A 344 -27.58 -5.23 13.69
C THR A 344 -28.70 -4.72 12.80
N MET A 345 -29.73 -5.56 12.62
CA MET A 345 -30.74 -5.25 11.62
C MET A 345 -31.86 -4.38 12.17
N ASP A 346 -32.27 -4.56 13.44
CA ASP A 346 -33.16 -3.60 14.09
C ASP A 346 -32.62 -3.09 15.42
N GLY A 347 -31.31 -2.92 15.54
CA GLY A 347 -30.72 -2.55 16.80
C GLY A 347 -30.59 -3.70 17.79
N ILE A 348 -31.38 -4.76 17.61
CA ILE A 348 -31.36 -5.92 18.50
C ILE A 348 -30.77 -7.14 17.84
N ASN A 349 -31.24 -7.50 16.65
CA ASN A 349 -30.90 -8.76 16.01
C ASN A 349 -29.66 -8.58 15.13
N LEU A 350 -28.65 -9.42 15.36
CA LEU A 350 -27.46 -9.44 14.53
C LEU A 350 -27.78 -9.97 13.13
N ILE A 351 -27.00 -9.54 12.14
CA ILE A 351 -27.13 -10.09 10.80
C ILE A 351 -26.63 -11.53 10.80
N LYS A 352 -27.46 -12.44 10.28
CA LYS A 352 -27.13 -13.86 10.31
C LYS A 352 -25.89 -14.17 9.48
N SER A 353 -25.79 -13.59 8.28
CA SER A 353 -24.72 -13.94 7.36
C SER A 353 -23.58 -12.93 7.46
N LYS A 354 -22.35 -13.45 7.50
CA LYS A 354 -21.18 -12.64 7.77
C LYS A 354 -20.72 -11.84 6.55
N SER A 355 -21.14 -12.24 5.35
CA SER A 355 -20.71 -11.54 4.14
C SER A 355 -21.25 -10.12 4.09
N ILE A 356 -22.55 -9.96 4.37
CA ILE A 356 -23.11 -8.62 4.45
C ILE A 356 -22.45 -7.84 5.57
N GLN A 357 -22.09 -8.52 6.66
CA GLN A 357 -21.40 -7.84 7.76
C GLN A 357 -20.08 -7.25 7.29
N HIS A 358 -19.28 -8.02 6.56
CA HIS A 358 -18.00 -7.49 6.09
C HIS A 358 -18.18 -6.40 5.05
N SER A 359 -19.10 -6.60 4.10
CA SER A 359 -19.32 -5.57 3.08
C SER A 359 -19.80 -4.27 3.71
N SER A 360 -20.72 -4.37 4.66
CA SER A 360 -21.24 -3.18 5.32
C SER A 360 -20.17 -2.52 6.19
N ARG A 361 -19.30 -3.32 6.81
CA ARG A 361 -18.21 -2.74 7.58
C ARG A 361 -17.22 -1.99 6.70
N ARG A 362 -16.87 -2.56 5.54
CA ARG A 362 -15.95 -1.85 4.65
C ARG A 362 -16.60 -0.63 4.04
N LYS A 363 -17.93 -0.63 3.90
CA LYS A 363 -18.62 0.60 3.52
C LYS A 363 -18.57 1.64 4.65
N GLN A 364 -18.72 1.19 5.89
CA GLN A 364 -18.85 2.13 7.01
C GLN A 364 -17.50 2.72 7.41
N GLY A 365 -16.42 1.95 7.27
CA GLY A 365 -15.13 2.44 7.74
C GLY A 365 -14.70 3.73 7.09
N LYS A 366 -15.16 3.99 5.87
CA LYS A 366 -14.91 5.24 5.20
C LYS A 366 -15.68 6.38 5.86
N ASN A 367 -15.19 7.60 5.66
CA ASN A 367 -15.59 8.83 6.36
C ASN A 367 -15.05 8.88 7.78
N TRP A 368 -14.37 7.84 8.25
CA TRP A 368 -13.76 7.82 9.57
C TRP A 368 -12.25 7.97 9.43
N TRP A 369 -11.68 8.96 10.11
CA TRP A 369 -10.25 9.20 10.07
C TRP A 369 -9.67 9.29 11.49
N ASN A 370 -8.42 9.77 11.54
CA ASN A 370 -7.59 9.72 12.75
C ASN A 370 -8.36 10.16 13.99
N ASP A 371 -8.86 11.39 14.01
CA ASP A 371 -9.55 11.87 15.19
C ASP A 371 -10.81 11.06 15.48
N LYS A 372 -11.57 10.70 14.45
CA LYS A 372 -12.81 9.98 14.69
C LYS A 372 -12.54 8.59 15.26
N TRP A 373 -11.60 7.85 14.66
CA TRP A 373 -11.25 6.53 15.19
C TRP A 373 -10.68 6.63 16.59
N ARG A 374 -9.77 7.58 16.81
CA ARG A 374 -9.16 7.74 18.13
C ARG A 374 -10.21 8.05 19.19
N GLU A 375 -11.10 9.00 18.88
CA GLU A 375 -12.13 9.38 19.84
C GLU A 375 -13.11 8.24 20.10
N LYS A 376 -13.46 7.46 19.07
CA LYS A 376 -14.39 6.36 19.29
C LYS A 376 -13.78 5.26 20.15
N LEU A 377 -12.53 4.88 19.85
CA LEU A 377 -11.86 3.88 20.67
C LEU A 377 -11.66 4.37 22.10
N LEU A 378 -11.26 5.64 22.26
CA LEU A 378 -11.06 6.19 23.59
C LEU A 378 -12.37 6.28 24.35
N ALA A 379 -13.47 6.63 23.67
CA ALA A 379 -14.77 6.68 24.32
C ALA A 379 -15.20 5.30 24.78
N PHE A 380 -14.98 4.28 23.95
CA PHE A 380 -15.31 2.93 24.39
C PHE A 380 -14.47 2.53 25.59
N ILE A 381 -13.19 2.91 25.60
CA ILE A 381 -12.32 2.55 26.72
C ILE A 381 -12.77 3.25 28.00
N ARG A 382 -13.10 4.54 27.92
CA ARG A 382 -13.60 5.25 29.10
C ARG A 382 -14.91 4.66 29.58
N PHE A 383 -15.77 4.25 28.65
CA PHE A 383 -17.01 3.57 29.02
C PHE A 383 -16.76 2.26 29.72
N LEU A 384 -15.59 1.64 29.48
CA LEU A 384 -15.20 0.39 30.10
C LEU A 384 -14.37 0.58 31.35
N SER A 385 -14.07 1.82 31.73
CA SER A 385 -13.26 2.10 32.89
C SER A 385 -14.05 1.92 34.17
N ASP A 386 -13.37 1.52 35.23
CA ASP A 386 -13.96 1.50 36.56
C ASP A 386 -13.62 2.78 37.31
N ASP A 387 -12.33 3.04 37.52
CA ASP A 387 -11.87 4.32 38.03
C ASP A 387 -11.77 5.30 36.86
N GLN A 388 -11.59 6.58 37.19
CA GLN A 388 -11.47 7.59 36.14
C GLN A 388 -10.26 7.35 35.27
N ASN A 389 -9.13 6.97 35.87
CA ASN A 389 -7.88 6.79 35.16
C ASN A 389 -7.39 5.35 35.21
N ALA A 390 -8.30 4.38 35.29
CA ALA A 390 -7.90 2.99 35.35
C ALA A 390 -9.06 2.10 34.92
N ILE A 391 -8.70 0.87 34.55
CA ILE A 391 -9.65 -0.20 34.22
C ILE A 391 -9.31 -1.40 35.08
N TYR A 392 -10.30 -1.93 35.76
CA TYR A 392 -10.10 -3.07 36.66
C TYR A 392 -10.64 -4.33 36.02
N LEU A 393 -9.77 -5.29 35.78
CA LEU A 393 -10.15 -6.61 35.33
C LEU A 393 -10.15 -7.55 36.52
N ASN A 394 -11.23 -8.31 36.70
CA ASN A 394 -11.32 -9.25 37.80
C ASN A 394 -10.54 -10.51 37.41
N VAL A 395 -9.55 -10.86 38.23
CA VAL A 395 -8.78 -12.09 38.05
C VAL A 395 -8.95 -12.93 39.31
N GLY A 396 -9.15 -12.26 40.44
CA GLY A 396 -9.31 -12.93 41.71
C GLY A 396 -10.34 -12.20 42.55
N SER A 397 -10.85 -12.91 43.56
CA SER A 397 -11.83 -12.32 44.47
C SER A 397 -11.27 -11.09 45.17
N GLU A 398 -9.96 -11.02 45.38
CA GLU A 398 -9.31 -9.85 45.92
C GLU A 398 -8.30 -9.23 44.98
N GLU A 399 -7.77 -9.99 44.03
CA GLU A 399 -6.76 -9.48 43.10
C GLU A 399 -7.44 -8.87 41.88
N LYS A 400 -6.93 -7.72 41.46
CA LYS A 400 -7.46 -7.00 40.31
C LYS A 400 -6.30 -6.61 39.40
N ILE A 401 -6.57 -6.56 38.10
CA ILE A 401 -5.59 -6.13 37.11
C ILE A 401 -5.94 -4.69 36.73
N LEU A 402 -4.98 -3.78 36.91
CA LEU A 402 -5.21 -2.35 36.72
C LEU A 402 -4.54 -1.94 35.41
N ILE A 403 -5.35 -1.52 34.45
CA ILE A 403 -4.87 -1.12 33.13
C ILE A 403 -5.29 0.32 32.92
N SER A 404 -4.31 1.24 32.86
CA SER A 404 -4.64 2.65 32.70
C SER A 404 -5.46 2.87 31.43
N ASN A 405 -6.54 3.63 31.56
CA ASN A 405 -7.47 3.81 30.45
C ASN A 405 -7.01 4.87 29.46
N LYS A 406 -5.90 5.54 29.72
CA LYS A 406 -5.30 6.42 28.73
C LYS A 406 -4.20 5.66 28.00
N PRO A 407 -4.24 5.58 26.67
CA PRO A 407 -3.24 4.80 25.95
C PRO A 407 -1.87 5.45 26.00
N LEU A 408 -0.88 4.69 25.53
CA LEU A 408 0.51 5.12 25.57
C LEU A 408 0.73 6.34 24.69
N LYS A 409 1.59 7.24 25.16
CA LYS A 409 1.94 8.46 24.45
C LYS A 409 3.34 8.32 23.86
N PHE A 410 3.52 8.81 22.63
CA PHE A 410 4.79 8.69 21.92
C PHE A 410 5.29 10.07 21.51
N PHE A 411 6.54 10.36 21.83
CA PHE A 411 7.19 11.62 21.51
C PHE A 411 7.74 11.49 20.10
N GLY A 412 7.05 12.09 19.13
CA GLY A 412 7.58 12.16 17.78
C GLY A 412 8.50 13.34 17.60
N LYS A 413 9.14 13.38 16.43
CA LYS A 413 10.03 14.50 16.10
C LYS A 413 9.79 15.09 14.73
N MET A 414 9.02 14.43 13.86
CA MET A 414 8.68 14.98 12.56
C MET A 414 7.19 14.83 12.31
N SER A 415 6.63 15.79 11.58
CA SER A 415 5.24 15.71 11.16
C SER A 415 5.05 16.59 9.94
N TYR A 416 3.83 16.60 9.41
CA TYR A 416 3.53 17.34 8.21
C TYR A 416 2.83 18.64 8.57
N VAL A 417 2.94 19.64 7.70
CA VAL A 417 2.04 20.80 7.80
C VAL A 417 0.63 20.29 7.60
N THR A 418 -0.19 20.40 8.63
CA THR A 418 -1.55 19.88 8.56
C THR A 418 -2.28 20.56 7.40
N PRO A 419 -2.57 19.85 6.32
CA PRO A 419 -3.15 20.49 5.14
C PRO A 419 -4.62 20.80 5.33
N SER A 420 -5.17 21.52 4.35
CA SER A 420 -6.59 21.84 4.37
C SER A 420 -7.42 20.57 4.43
N GLU A 421 -8.41 20.58 5.33
CA GLU A 421 -9.25 19.41 5.49
C GLU A 421 -10.11 19.14 4.27
N VAL A 422 -10.27 20.13 3.38
CA VAL A 422 -11.02 19.90 2.15
C VAL A 422 -10.28 18.91 1.25
N THR A 423 -8.95 18.86 1.36
CA THR A 423 -8.20 17.82 0.66
C THR A 423 -8.57 16.44 1.19
N LEU A 424 -8.71 16.31 2.52
CA LEU A 424 -9.12 15.03 3.08
C LEU A 424 -10.58 14.73 2.75
N GLU A 425 -11.39 15.77 2.51
CA GLU A 425 -12.76 15.54 2.07
C GLU A 425 -12.78 15.03 0.63
N GLU A 426 -11.89 15.57 -0.21
CA GLU A 426 -11.68 14.99 -1.54
C GLU A 426 -11.30 13.53 -1.43
N GLU A 427 -10.32 13.22 -0.58
CA GLU A 427 -9.98 11.83 -0.31
C GLU A 427 -11.20 11.02 0.08
N SER A 428 -11.98 11.51 1.04
CA SER A 428 -13.12 10.76 1.55
C SER A 428 -14.11 10.45 0.44
N VAL A 429 -14.53 11.47 -0.30
CA VAL A 429 -15.55 11.27 -1.33
C VAL A 429 -15.03 10.37 -2.45
N LEU A 430 -13.83 10.66 -2.98
CA LEU A 430 -13.33 9.89 -4.11
C LEU A 430 -13.05 8.45 -3.72
N ALA A 431 -12.39 8.24 -2.58
CA ALA A 431 -12.08 6.88 -2.14
C ALA A 431 -13.35 6.14 -1.74
N ASP A 432 -14.35 6.84 -1.22
CA ASP A 432 -15.64 6.22 -0.93
C ASP A 432 -16.28 5.70 -2.21
N ILE A 433 -16.27 6.51 -3.27
CA ILE A 433 -16.81 6.06 -4.55
C ILE A 433 -16.00 4.88 -5.08
N ASN A 434 -14.67 4.94 -4.95
CA ASN A 434 -13.82 3.87 -5.45
C ASN A 434 -14.08 2.56 -4.70
N ASN A 435 -14.26 2.63 -3.38
CA ASN A 435 -14.51 1.42 -2.62
C ASN A 435 -15.92 0.89 -2.88
N PHE A 436 -16.86 1.78 -3.18
CA PHE A 436 -18.15 1.32 -3.70
C PHE A 436 -17.96 0.55 -4.99
N GLU A 437 -17.09 1.05 -5.88
CA GLU A 437 -16.77 0.33 -7.10
C GLU A 437 -16.12 -1.02 -6.79
N GLU A 438 -15.29 -1.07 -5.76
CA GLU A 438 -14.65 -2.32 -5.35
C GLU A 438 -15.68 -3.30 -4.80
N GLU B 3 8.56 7.04 22.14
CA GLU B 3 9.50 7.85 21.38
C GLU B 3 9.71 7.30 19.97
N LEU B 4 8.96 7.85 19.02
CA LEU B 4 9.05 7.41 17.64
C LEU B 4 10.33 7.92 16.98
N ILE B 5 10.69 7.26 15.89
CA ILE B 5 11.78 7.69 15.03
C ILE B 5 11.25 7.80 13.61
N TYR B 6 11.86 8.69 12.83
CA TYR B 6 11.42 8.95 11.46
C TYR B 6 12.51 8.57 10.48
N ILE B 7 12.10 7.96 9.37
CA ILE B 7 12.99 7.59 8.29
C ILE B 7 12.66 8.47 7.09
N GLU B 8 13.68 9.19 6.59
CA GLU B 8 13.50 9.96 5.38
C GLU B 8 13.06 9.05 4.24
N GLU B 9 12.08 9.51 3.47
CA GLU B 9 11.48 8.66 2.45
C GLU B 9 12.53 8.23 1.44
N PRO B 10 12.58 6.96 1.07
CA PRO B 10 13.59 6.51 0.10
C PRO B 10 13.43 7.21 -1.24
N SER B 11 14.56 7.58 -1.84
CA SER B 11 14.60 8.24 -3.13
C SER B 11 14.90 7.21 -4.21
N ILE B 12 14.10 7.19 -5.27
CA ILE B 12 14.29 6.25 -6.36
C ILE B 12 14.81 6.98 -7.58
N LEU B 13 15.75 6.36 -8.30
CA LEU B 13 16.26 6.94 -9.53
C LEU B 13 15.24 6.88 -10.65
N PHE B 14 15.39 7.81 -11.59
CA PHE B 14 14.75 7.70 -12.89
C PHE B 14 15.81 8.00 -13.92
N ALA B 15 15.43 8.24 -15.17
CA ALA B 15 16.42 8.52 -16.20
C ALA B 15 17.25 9.75 -15.81
N HIS B 16 18.41 9.87 -16.45
CA HIS B 16 19.35 10.96 -16.24
C HIS B 16 19.93 10.99 -14.83
N GLY B 17 19.83 9.88 -14.10
CA GLY B 17 20.42 9.78 -12.78
C GLY B 17 19.86 10.75 -11.77
N GLN B 18 18.54 10.95 -11.78
CA GLN B 18 17.88 11.90 -10.89
C GLN B 18 17.00 11.14 -9.91
N LYS B 19 17.14 11.47 -8.63
CA LYS B 19 16.42 10.81 -7.56
C LYS B 19 15.14 11.58 -7.26
N CYS B 20 14.00 10.97 -7.55
CA CYS B 20 12.70 11.51 -7.20
C CYS B 20 12.12 10.66 -6.08
N THR B 21 10.88 10.97 -5.68
CA THR B 21 10.22 10.23 -4.62
C THR B 21 8.91 9.59 -5.07
N ASP B 22 8.07 10.30 -5.82
CA ASP B 22 6.88 9.70 -6.40
C ASP B 22 7.24 9.07 -7.74
N PRO B 23 6.95 7.79 -7.96
CA PRO B 23 7.21 7.20 -9.28
C PRO B 23 6.49 7.91 -10.41
N ARG B 24 5.26 8.38 -10.19
CA ARG B 24 4.57 9.12 -11.24
C ARG B 24 5.25 10.44 -11.53
N ASP B 25 5.68 11.16 -10.48
CA ASP B 25 6.37 12.43 -10.68
C ASP B 25 7.68 12.24 -11.43
N GLY B 26 8.46 11.23 -11.04
CA GLY B 26 9.71 10.97 -11.75
C GLY B 26 9.47 10.52 -13.18
N LEU B 27 8.47 9.66 -13.39
CA LEU B 27 8.16 9.19 -14.74
C LEU B 27 7.76 10.35 -15.64
N ALA B 28 6.95 11.27 -15.13
CA ALA B 28 6.56 12.43 -15.93
C ALA B 28 7.65 13.47 -16.03
N LEU B 29 8.63 13.45 -15.14
CA LEU B 29 9.70 14.45 -15.15
C LEU B 29 10.91 13.98 -15.94
N PHE B 30 11.53 12.87 -15.52
CA PHE B 30 12.74 12.37 -16.15
C PHE B 30 12.50 11.18 -17.05
N GLY B 31 11.34 10.54 -16.98
CA GLY B 31 11.06 9.37 -17.78
C GLY B 31 11.56 8.12 -17.10
N PRO B 32 11.28 6.96 -17.71
CA PRO B 32 11.69 5.70 -17.11
C PRO B 32 13.21 5.58 -17.02
N LEU B 33 13.67 4.88 -15.97
CA LEU B 33 15.10 4.73 -15.76
C LEU B 33 15.77 4.00 -16.90
N ASN B 34 15.14 2.93 -17.40
CA ASN B 34 15.62 2.20 -18.56
C ASN B 34 14.63 2.40 -19.70
N GLN B 35 15.13 2.96 -20.80
CA GLN B 35 14.29 3.28 -21.94
C GLN B 35 14.23 2.13 -22.93
N ILE B 36 13.05 1.87 -23.45
CA ILE B 36 12.85 0.90 -24.52
C ILE B 36 12.49 1.67 -25.78
N TYR B 37 12.94 1.14 -26.92
CA TYR B 37 12.74 1.84 -28.19
C TYR B 37 11.26 1.95 -28.53
N GLY B 38 10.46 0.99 -28.10
CA GLY B 38 9.03 1.03 -28.39
C GLY B 38 8.35 -0.15 -27.73
N ILE B 39 7.03 -0.17 -27.88
CA ILE B 39 6.19 -1.22 -27.32
C ILE B 39 5.42 -1.86 -28.46
N LYS B 40 5.70 -3.13 -28.72
CA LYS B 40 4.93 -3.93 -29.67
C LYS B 40 3.92 -4.74 -28.87
N SER B 41 2.64 -4.50 -29.12
CA SER B 41 1.58 -5.07 -28.31
C SER B 41 0.81 -6.13 -29.10
N GLY B 42 0.39 -7.18 -28.42
CA GLY B 42 -0.41 -8.24 -29.01
C GLY B 42 -1.78 -8.29 -28.36
N VAL B 43 -2.80 -8.49 -29.17
CA VAL B 43 -4.18 -8.46 -28.72
C VAL B 43 -4.87 -9.75 -29.12
N VAL B 44 -5.56 -10.38 -28.18
CA VAL B 44 -6.36 -11.56 -28.43
C VAL B 44 -7.73 -11.35 -27.78
N GLY B 45 -8.78 -11.55 -28.56
CA GLY B 45 -10.12 -11.34 -28.07
C GLY B 45 -11.10 -11.27 -29.23
N THR B 46 -12.32 -10.84 -28.91
CA THR B 46 -13.34 -10.68 -29.93
C THR B 46 -13.09 -9.40 -30.73
N GLN B 47 -13.83 -9.25 -31.83
CA GLN B 47 -13.71 -8.05 -32.65
C GLN B 47 -14.17 -6.81 -31.89
N LYS B 48 -15.25 -6.94 -31.11
CA LYS B 48 -15.67 -5.84 -30.25
C LYS B 48 -14.60 -5.54 -29.20
N GLY B 49 -13.96 -6.57 -28.65
CA GLY B 49 -12.84 -6.34 -27.77
C GLY B 49 -11.69 -5.64 -28.47
N LEU B 50 -11.45 -5.98 -29.73
CA LEU B 50 -10.41 -5.31 -30.49
C LEU B 50 -10.70 -3.83 -30.65
N GLN B 51 -11.94 -3.49 -31.02
CA GLN B 51 -12.28 -2.08 -31.21
C GLN B 51 -12.27 -1.33 -29.87
N ILE B 52 -12.67 -2.00 -28.78
CA ILE B 52 -12.59 -1.37 -27.47
C ILE B 52 -11.14 -1.08 -27.11
N PHE B 53 -10.25 -2.03 -27.37
CA PHE B 53 -8.83 -1.83 -27.09
C PHE B 53 -8.26 -0.70 -27.94
N LYS B 54 -8.64 -0.65 -29.23
CA LYS B 54 -8.17 0.43 -30.09
C LYS B 54 -8.65 1.77 -29.58
N SER B 55 -9.92 1.85 -29.15
CA SER B 55 -10.43 3.07 -28.56
C SER B 55 -9.64 3.46 -27.33
N TYR B 56 -9.25 2.48 -26.52
CA TYR B 56 -8.54 2.82 -25.29
C TYR B 56 -7.12 3.30 -25.58
N LEU B 57 -6.46 2.78 -26.61
CA LEU B 57 -5.20 3.40 -27.02
C LEU B 57 -5.39 4.79 -27.60
N ASP B 58 -6.45 5.02 -28.37
CA ASP B 58 -6.70 6.40 -28.81
C ASP B 58 -6.87 7.32 -27.61
N LYS B 59 -7.54 6.84 -26.56
CA LYS B 59 -7.67 7.62 -25.34
C LYS B 59 -6.32 7.82 -24.65
N ILE B 60 -5.50 6.77 -24.62
CA ILE B 60 -4.20 6.84 -23.95
C ILE B 60 -3.26 7.82 -24.62
N GLN B 61 -3.31 7.91 -25.96
CA GLN B 61 -2.43 8.84 -26.67
C GLN B 61 -2.62 10.27 -26.15
N LYS B 62 -3.87 10.70 -26.01
CA LYS B 62 -4.20 11.99 -25.46
C LYS B 62 -4.06 11.96 -23.93
N PRO B 63 -3.65 13.05 -23.31
CA PRO B 63 -3.55 13.06 -21.84
C PRO B 63 -4.91 12.87 -21.19
N ILE B 64 -4.90 12.15 -20.07
CA ILE B 64 -6.10 11.92 -19.27
C ILE B 64 -5.85 12.46 -17.88
N TYR B 65 -6.86 13.07 -17.28
CA TYR B 65 -6.72 13.80 -16.03
C TYR B 65 -7.48 13.11 -14.90
N ASN B 66 -6.96 13.28 -13.68
CA ASN B 66 -7.62 12.83 -12.48
C ASN B 66 -8.41 13.97 -11.85
N HIS B 67 -9.43 13.62 -11.07
CA HIS B 67 -10.17 14.63 -10.32
C HIS B 67 -9.31 15.28 -9.25
N ASN B 68 -8.24 14.61 -8.82
CA ASN B 68 -7.27 15.19 -7.90
C ASN B 68 -5.88 14.95 -8.50
N ASN B 69 -5.19 16.03 -8.86
CA ASN B 69 -3.91 15.93 -9.54
C ASN B 69 -2.71 16.09 -8.61
N ILE B 70 -2.95 16.09 -7.30
CA ILE B 70 -1.87 16.10 -6.32
C ILE B 70 -1.66 14.73 -5.71
N THR B 71 -2.76 14.07 -5.32
CA THR B 71 -2.68 12.70 -4.83
C THR B 71 -2.46 11.71 -5.96
N ARG B 72 -3.05 11.97 -7.13
CA ARG B 72 -2.91 11.10 -8.31
C ARG B 72 -2.54 11.97 -9.49
N PRO B 73 -1.24 12.21 -9.69
CA PRO B 73 -0.82 13.14 -10.76
C PRO B 73 -1.35 12.72 -12.11
N MET B 74 -1.55 13.71 -12.98
CA MET B 74 -2.20 13.51 -14.25
C MET B 74 -1.36 12.60 -15.15
N PHE B 75 -2.00 12.10 -16.21
CA PHE B 75 -1.35 11.25 -17.17
C PHE B 75 -0.90 12.10 -18.36
N PRO B 76 0.39 12.36 -18.53
CA PRO B 76 0.83 13.20 -19.65
C PRO B 76 0.54 12.61 -21.01
N GLY B 77 0.28 11.31 -21.08
CA GLY B 77 0.17 10.60 -22.34
C GLY B 77 1.37 9.66 -22.43
N PHE B 78 1.15 8.48 -23.01
CA PHE B 78 2.14 7.42 -22.95
C PHE B 78 3.49 7.87 -23.47
N GLU B 79 3.52 8.46 -24.66
CA GLU B 79 4.78 8.90 -25.24
C GLU B 79 5.39 10.06 -24.46
N ALA B 80 4.56 10.86 -23.80
CA ALA B 80 5.06 12.00 -23.04
C ALA B 80 5.84 11.54 -21.82
N VAL B 81 5.37 10.51 -21.14
CA VAL B 81 6.00 10.07 -19.90
C VAL B 81 7.09 9.04 -20.18
N PHE B 82 6.75 8.02 -20.98
CA PHE B 82 7.64 6.88 -21.17
C PHE B 82 8.66 7.09 -22.29
N GLY B 83 8.35 7.90 -23.29
CA GLY B 83 9.27 8.09 -24.39
C GLY B 83 9.27 6.99 -25.43
N CYS B 84 8.32 6.07 -25.36
CA CYS B 84 8.17 5.02 -26.36
C CYS B 84 6.72 4.95 -26.80
N LYS B 85 6.51 4.72 -28.08
CA LYS B 85 5.18 4.78 -28.65
C LYS B 85 4.46 3.44 -28.49
N TRP B 86 3.15 3.49 -28.29
CA TRP B 86 2.29 2.32 -28.22
C TRP B 86 1.13 2.60 -29.17
N GLU B 87 1.34 2.29 -30.45
CA GLU B 87 0.38 2.63 -31.49
C GLU B 87 -0.72 1.57 -31.59
N SER B 88 -1.60 1.78 -32.57
CA SER B 88 -2.54 0.75 -32.98
C SER B 88 -2.05 0.00 -34.21
N GLN B 89 -1.02 0.52 -34.90
CA GLN B 89 -0.42 -0.21 -36.00
C GLN B 89 0.47 -1.35 -35.53
N ASN B 90 1.04 -1.25 -34.34
CA ASN B 90 1.83 -2.32 -33.75
C ASN B 90 0.98 -3.35 -33.04
N ILE B 91 -0.30 -3.43 -33.38
CA ILE B 91 -1.26 -4.29 -32.70
C ILE B 91 -1.53 -5.49 -33.59
N VAL B 92 -1.25 -6.69 -33.07
CA VAL B 92 -1.53 -7.94 -33.75
C VAL B 92 -2.75 -8.57 -33.09
N PHE B 93 -3.78 -8.85 -33.89
CA PHE B 93 -5.07 -9.31 -33.38
C PHE B 93 -5.41 -10.67 -33.95
N LYS B 94 -5.96 -11.53 -33.10
CA LYS B 94 -6.41 -12.85 -33.50
C LYS B 94 -7.82 -13.07 -32.93
N GLU B 95 -8.79 -13.20 -33.84
CA GLU B 95 -10.19 -13.15 -33.46
C GLU B 95 -10.62 -14.39 -32.68
N ILE B 96 -11.57 -14.18 -31.77
CA ILE B 96 -12.21 -15.26 -31.02
C ILE B 96 -13.70 -15.13 -31.21
N THR B 97 -14.33 -16.16 -31.78
CA THR B 97 -15.76 -16.12 -32.04
C THR B 97 -16.53 -16.97 -31.02
N THR B 114 -15.09 -23.03 -17.84
CA THR B 114 -13.90 -22.21 -17.67
C THR B 114 -12.70 -22.79 -18.40
N TYR B 115 -12.61 -24.12 -18.40
CA TYR B 115 -11.49 -24.81 -19.03
C TYR B 115 -11.40 -24.51 -20.52
N ASP B 116 -12.53 -24.59 -21.22
CA ASP B 116 -12.52 -24.43 -22.67
C ASP B 116 -12.15 -23.01 -23.07
N LEU B 117 -12.64 -22.01 -22.34
CA LEU B 117 -12.36 -20.62 -22.68
C LEU B 117 -10.87 -20.32 -22.60
N VAL B 118 -10.25 -20.64 -21.46
CA VAL B 118 -8.82 -20.39 -21.32
C VAL B 118 -8.05 -21.28 -22.29
N THR B 119 -8.59 -22.45 -22.62
CA THR B 119 -7.95 -23.30 -23.61
C THR B 119 -7.86 -22.62 -24.97
N LEU B 120 -8.98 -22.06 -25.44
CA LEU B 120 -8.95 -21.36 -26.73
C LEU B 120 -8.05 -20.13 -26.67
N PHE B 121 -8.11 -19.37 -25.58
CA PHE B 121 -7.29 -18.17 -25.48
C PHE B 121 -5.80 -18.52 -25.51
N ASN B 122 -5.40 -19.54 -24.75
CA ASN B 122 -4.01 -19.98 -24.75
C ASN B 122 -3.60 -20.54 -26.11
N ASP B 123 -4.49 -21.29 -26.76
CA ASP B 123 -4.18 -21.80 -28.09
C ASP B 123 -3.90 -20.65 -29.04
N LYS B 124 -4.73 -19.62 -29.01
CA LYS B 124 -4.50 -18.46 -29.87
C LYS B 124 -3.18 -17.78 -29.55
N ILE B 125 -2.89 -17.61 -28.25
CA ILE B 125 -1.65 -16.92 -27.86
C ILE B 125 -0.42 -17.69 -28.33
N ILE B 126 -0.42 -19.01 -28.13
CA ILE B 126 0.73 -19.82 -28.54
C ILE B 126 0.87 -19.85 -30.05
N THR B 127 -0.24 -20.06 -30.76
CA THR B 127 -0.20 -20.08 -32.21
C THR B 127 0.30 -18.75 -32.76
N ALA B 128 -0.03 -17.65 -32.09
CA ALA B 128 0.48 -16.35 -32.52
C ALA B 128 1.97 -16.21 -32.23
N ASN B 129 2.41 -16.60 -31.03
CA ASN B 129 3.81 -16.47 -30.68
C ASN B 129 4.69 -17.35 -31.54
N LYS B 130 4.13 -18.42 -32.11
CA LYS B 130 4.90 -19.30 -32.97
C LYS B 130 4.83 -18.89 -34.44
N ASN B 131 3.62 -18.62 -34.94
CA ASN B 131 3.46 -18.37 -36.37
C ASN B 131 3.97 -17.00 -36.78
N ASP B 132 3.73 -15.97 -35.96
CA ASP B 132 4.10 -14.62 -36.33
C ASP B 132 5.62 -14.49 -36.44
N GLU B 133 6.07 -13.86 -37.52
CA GLU B 133 7.50 -13.63 -37.70
C GLU B 133 8.01 -12.51 -36.79
N GLU B 134 7.24 -11.43 -36.68
CA GLU B 134 7.64 -10.29 -35.88
C GLU B 134 7.33 -10.54 -34.41
N ARG B 135 8.33 -10.37 -33.55
CA ARG B 135 8.15 -10.58 -32.13
C ARG B 135 7.27 -9.48 -31.53
N VAL B 136 6.61 -9.82 -30.43
CA VAL B 136 5.68 -8.93 -29.74
C VAL B 136 6.18 -8.72 -28.32
N ASP B 137 6.26 -7.46 -27.89
CA ASP B 137 6.81 -7.17 -26.57
C ASP B 137 5.87 -7.64 -25.46
N VAL B 138 4.59 -7.28 -25.54
CA VAL B 138 3.60 -7.65 -24.54
C VAL B 138 2.34 -8.13 -25.25
N TRP B 139 1.58 -8.99 -24.58
CA TRP B 139 0.28 -9.44 -25.06
C TRP B 139 -0.82 -8.95 -24.14
N PHE B 140 -1.96 -8.60 -24.73
CA PHE B 140 -3.08 -8.03 -23.99
C PHE B 140 -4.34 -8.78 -24.35
N VAL B 141 -5.07 -9.24 -23.33
CA VAL B 141 -6.19 -10.16 -23.50
C VAL B 141 -7.47 -9.47 -23.06
N ILE B 142 -8.42 -9.37 -23.97
CA ILE B 142 -9.70 -8.73 -23.70
C ILE B 142 -10.71 -9.82 -23.33
N VAL B 143 -11.25 -9.73 -22.13
CA VAL B 143 -12.16 -10.74 -21.58
C VAL B 143 -13.57 -10.16 -21.58
N PRO B 144 -14.51 -10.75 -22.32
CA PRO B 144 -15.89 -10.25 -22.31
C PRO B 144 -16.50 -10.35 -20.91
N GLU B 145 -17.55 -9.54 -20.70
CA GLU B 145 -18.19 -9.48 -19.40
C GLU B 145 -18.86 -10.79 -19.04
N GLU B 146 -19.40 -11.51 -20.03
CA GLU B 146 -20.03 -12.79 -19.75
C GLU B 146 -19.02 -13.79 -19.19
N ILE B 147 -17.79 -13.80 -19.74
CA ILE B 147 -16.76 -14.69 -19.24
C ILE B 147 -16.42 -14.36 -17.80
N TYR B 148 -16.30 -13.08 -17.47
CA TYR B 148 -16.03 -12.68 -16.10
C TYR B 148 -17.16 -13.09 -15.17
N LYS B 149 -18.41 -12.91 -15.59
CA LYS B 149 -19.53 -13.22 -14.72
C LYS B 149 -19.67 -14.74 -14.51
N TYR B 150 -19.39 -15.52 -15.55
CA TYR B 150 -19.62 -16.96 -15.51
C TYR B 150 -18.38 -17.78 -15.21
N CYS B 151 -17.25 -17.14 -14.90
CA CYS B 151 -16.03 -17.87 -14.56
C CYS B 151 -15.05 -16.98 -13.82
N PHE B 206 -9.78 -17.65 -13.94
CA PHE B 206 -9.36 -17.46 -15.32
C PHE B 206 -7.98 -16.82 -15.36
N HIS B 207 -7.82 -15.67 -14.70
CA HIS B 207 -6.55 -14.96 -14.75
C HIS B 207 -5.41 -15.83 -14.23
N ASP B 208 -5.60 -16.46 -13.08
CA ASP B 208 -4.55 -17.31 -12.53
C ASP B 208 -4.29 -18.51 -13.44
N GLN B 209 -5.36 -19.16 -13.90
CA GLN B 209 -5.21 -20.34 -14.76
C GLN B 209 -4.48 -20.00 -16.05
N LEU B 210 -4.97 -18.98 -16.76
CA LEU B 210 -4.36 -18.58 -18.03
C LEU B 210 -2.93 -18.10 -17.83
N LYS B 211 -2.69 -17.28 -16.81
CA LYS B 211 -1.37 -16.68 -16.66
C LYS B 211 -0.37 -17.71 -16.15
N ALA B 212 -0.86 -18.76 -15.49
CA ALA B 212 0.00 -19.89 -15.15
C ALA B 212 0.31 -20.76 -16.35
N ARG B 213 -0.70 -21.04 -17.19
CA ARG B 213 -0.46 -21.88 -18.36
C ARG B 213 0.54 -21.23 -19.32
N LEU B 214 0.67 -19.90 -19.26
CA LEU B 214 1.63 -19.18 -20.08
C LEU B 214 2.98 -19.00 -19.40
N LEU B 215 3.16 -19.54 -18.20
CA LEU B 215 4.45 -19.43 -17.52
C LEU B 215 5.52 -20.27 -18.22
N GLU B 216 5.11 -21.38 -18.86
CA GLU B 216 6.06 -22.23 -19.55
C GLU B 216 6.74 -21.50 -20.70
N HIS B 217 5.98 -20.70 -21.43
CA HIS B 217 6.43 -20.08 -22.67
C HIS B 217 7.04 -18.70 -22.47
N THR B 218 7.10 -18.21 -21.22
CA THR B 218 7.68 -16.91 -20.90
C THR B 218 7.03 -15.79 -21.72
N ILE B 219 5.70 -15.78 -21.70
CA ILE B 219 4.91 -14.79 -22.44
C ILE B 219 4.37 -13.79 -21.43
N PRO B 220 4.85 -12.54 -21.42
CA PRO B 220 4.29 -11.52 -20.51
C PRO B 220 2.92 -11.09 -21.01
N THR B 221 1.91 -11.24 -20.15
CA THR B 221 0.53 -11.03 -20.55
C THR B 221 -0.16 -10.09 -19.57
N GLN B 222 -1.06 -9.26 -20.10
CA GLN B 222 -1.87 -8.35 -19.32
C GLN B 222 -3.32 -8.58 -19.71
N ILE B 223 -4.19 -8.76 -18.71
CA ILE B 223 -5.58 -9.09 -18.94
C ILE B 223 -6.45 -7.89 -18.58
N LEU B 224 -7.33 -7.51 -19.50
CA LEU B 224 -8.29 -6.44 -19.28
C LEU B 224 -9.66 -6.91 -19.75
N ARG B 225 -10.71 -6.34 -19.16
CA ARG B 225 -12.06 -6.74 -19.49
C ARG B 225 -12.66 -5.80 -20.54
N GLU B 226 -13.86 -6.16 -21.00
CA GLU B 226 -14.62 -5.26 -21.86
C GLU B 226 -15.11 -4.04 -21.08
N SER B 227 -15.46 -4.21 -19.82
CA SER B 227 -15.99 -3.15 -18.99
C SER B 227 -14.91 -2.33 -18.30
N THR B 228 -13.64 -2.61 -18.57
CA THR B 228 -12.57 -1.82 -17.97
C THR B 228 -12.14 -0.67 -18.87
N LEU B 229 -12.04 -0.92 -20.18
CA LEU B 229 -11.68 0.14 -21.12
C LEU B 229 -12.91 0.84 -21.68
N ALA B 230 -14.05 0.15 -21.75
CA ALA B 230 -15.28 0.72 -22.27
C ALA B 230 -16.34 0.74 -21.19
N TRP B 231 -15.96 1.16 -19.98
CA TRP B 231 -16.91 1.17 -18.86
C TRP B 231 -18.08 2.10 -19.12
N ARG B 232 -17.87 3.19 -19.85
CA ARG B 232 -18.95 4.13 -20.13
C ARG B 232 -20.05 3.46 -20.95
N ASP B 233 -19.67 2.57 -21.86
CA ASP B 233 -20.66 1.91 -22.71
C ASP B 233 -21.49 0.88 -21.96
N PHE B 234 -20.92 0.23 -20.94
CA PHE B 234 -21.62 -0.81 -20.19
C PHE B 234 -22.37 -0.16 -19.04
N LYS B 235 -23.69 -0.32 -19.03
CA LYS B 235 -24.55 0.28 -18.01
C LYS B 235 -25.52 -0.76 -17.49
N ASN B 236 -26.03 -0.52 -16.28
CA ASN B 236 -26.91 -1.46 -15.60
C ASN B 236 -28.34 -1.26 -16.09
N THR B 237 -29.28 -1.95 -15.45
CA THR B 237 -30.70 -1.77 -15.78
C THR B 237 -31.17 -0.36 -15.44
N PHE B 238 -30.58 0.27 -14.43
CA PHE B 238 -30.91 1.64 -14.07
C PHE B 238 -30.30 2.67 -15.01
N GLY B 239 -29.40 2.24 -15.90
CA GLY B 239 -28.74 3.15 -16.82
C GLY B 239 -27.39 3.65 -16.36
N ALA B 240 -27.03 3.45 -15.09
CA ALA B 240 -25.73 3.86 -14.61
C ALA B 240 -24.66 2.86 -15.01
N PRO B 241 -23.42 3.30 -15.19
CA PRO B 241 -22.33 2.36 -15.51
C PRO B 241 -22.12 1.37 -14.37
N ILE B 242 -21.66 0.18 -14.73
CA ILE B 242 -21.39 -0.85 -13.72
C ILE B 242 -20.32 -0.36 -12.74
N ARG B 243 -19.25 0.23 -13.27
CA ARG B 243 -18.17 0.74 -12.45
C ARG B 243 -17.65 2.03 -13.07
N ASP B 244 -17.46 3.05 -12.23
CA ASP B 244 -17.19 4.41 -12.68
C ASP B 244 -15.70 4.69 -12.54
N PHE B 245 -15.08 5.13 -13.64
CA PHE B 245 -13.69 5.55 -13.63
C PHE B 245 -13.53 7.05 -13.84
N SER B 246 -14.63 7.82 -13.77
CA SER B 246 -14.60 9.20 -14.21
C SER B 246 -13.57 10.03 -13.44
N LYS B 247 -13.49 9.82 -12.14
CA LYS B 247 -12.58 10.61 -11.31
C LYS B 247 -11.13 10.13 -11.38
N ILE B 248 -10.89 8.88 -11.77
CA ILE B 248 -9.53 8.34 -11.78
C ILE B 248 -9.19 7.68 -13.11
N GLU B 249 -9.86 8.12 -14.18
CA GLU B 249 -9.50 7.62 -15.52
C GLU B 249 -8.04 7.90 -15.83
N GLY B 250 -7.55 9.07 -15.43
CA GLY B 250 -6.13 9.35 -15.59
C GLY B 250 -5.27 8.39 -14.78
N HIS B 251 -5.71 8.07 -13.56
CA HIS B 251 -4.98 7.10 -12.74
C HIS B 251 -5.06 5.69 -13.32
N LEU B 252 -6.23 5.32 -13.85
CA LEU B 252 -6.37 4.02 -14.50
C LEU B 252 -5.43 3.90 -15.69
N ALA B 253 -5.37 4.95 -16.52
CA ALA B 253 -4.44 4.94 -17.63
C ALA B 253 -2.99 4.93 -17.15
N TRP B 254 -2.70 5.66 -16.07
CA TRP B 254 -1.37 5.62 -15.46
C TRP B 254 -0.97 4.19 -15.13
N THR B 255 -1.85 3.47 -14.43
CA THR B 255 -1.54 2.12 -13.98
C THR B 255 -1.41 1.16 -15.15
N ILE B 256 -2.33 1.24 -16.12
CA ILE B 256 -2.27 0.36 -17.27
C ILE B 256 -0.99 0.60 -18.07
N SER B 257 -0.64 1.87 -18.27
CA SER B 257 0.57 2.20 -19.02
C SER B 257 1.82 1.73 -18.28
N THR B 258 1.85 1.90 -16.95
CA THR B 258 3.02 1.45 -16.19
C THR B 258 3.15 -0.06 -16.26
N ALA B 259 2.03 -0.79 -16.17
CA ALA B 259 2.08 -2.24 -16.29
C ALA B 259 2.58 -2.66 -17.67
N ALA B 260 2.05 -2.04 -18.72
CA ALA B 260 2.45 -2.39 -20.08
C ALA B 260 3.93 -2.09 -20.30
N TYR B 261 4.42 -0.98 -19.77
CA TYR B 261 5.83 -0.65 -19.91
C TYR B 261 6.71 -1.61 -19.13
N TYR B 262 6.26 -2.05 -17.94
CA TYR B 262 7.03 -3.03 -17.20
C TYR B 262 7.12 -4.34 -17.94
N LYS B 263 6.00 -4.81 -18.52
CA LYS B 263 6.00 -6.08 -19.22
C LYS B 263 6.71 -6.03 -20.56
N ALA B 264 7.12 -4.85 -21.02
CA ALA B 264 7.81 -4.71 -22.30
C ALA B 264 9.33 -4.66 -22.13
N GLY B 265 9.85 -5.18 -21.04
CA GLY B 265 11.29 -5.18 -20.83
C GLY B 265 11.84 -3.89 -20.27
N GLY B 266 11.00 -2.90 -19.99
CA GLY B 266 11.45 -1.65 -19.43
C GLY B 266 11.27 -1.63 -17.92
N LYS B 267 12.24 -1.04 -17.23
CA LYS B 267 12.21 -0.91 -15.79
C LYS B 267 11.88 0.54 -15.43
N PRO B 268 10.64 0.86 -15.08
CA PRO B 268 10.28 2.27 -14.89
C PRO B 268 11.12 3.01 -13.86
N TRP B 269 11.51 2.35 -12.76
CA TRP B 269 12.31 3.03 -11.75
C TRP B 269 13.02 2.00 -10.88
N LYS B 270 13.94 2.50 -10.06
CA LYS B 270 14.74 1.70 -9.15
C LYS B 270 15.14 2.53 -7.95
N LEU B 271 15.42 1.87 -6.82
CA LEU B 271 15.76 2.58 -5.59
C LEU B 271 17.11 3.26 -5.72
N GLY B 272 17.24 4.41 -5.04
CA GLY B 272 18.47 5.18 -5.14
C GLY B 272 19.41 5.14 -3.96
N ASP B 273 18.86 5.28 -2.76
CA ASP B 273 19.64 5.28 -1.53
C ASP B 273 19.66 3.84 -1.03
N ILE B 274 20.56 3.03 -1.57
CA ILE B 274 20.63 1.62 -1.21
C ILE B 274 22.10 1.19 -1.24
N ARG B 275 22.46 0.35 -0.28
CA ARG B 275 23.82 -0.14 -0.18
C ARG B 275 24.11 -1.14 -1.29
N PRO B 276 25.36 -1.24 -1.73
CA PRO B 276 25.70 -2.22 -2.76
C PRO B 276 25.69 -3.64 -2.21
N GLY B 277 25.36 -4.58 -3.09
CA GLY B 277 25.42 -5.99 -2.75
C GLY B 277 24.45 -6.44 -1.68
N VAL B 278 23.20 -6.04 -1.77
CA VAL B 278 22.16 -6.45 -0.83
C VAL B 278 20.99 -7.05 -1.60
N CYS B 279 20.52 -8.20 -1.14
CA CYS B 279 19.40 -8.90 -1.76
C CYS B 279 18.25 -9.02 -0.76
N TYR B 280 17.04 -9.08 -1.28
CA TYR B 280 15.83 -9.18 -0.47
C TYR B 280 14.99 -10.33 -0.99
N LEU B 281 14.61 -11.24 -0.09
CA LEU B 281 13.93 -12.48 -0.45
C LEU B 281 12.60 -12.54 0.28
N GLY B 282 11.58 -13.05 -0.40
CA GLY B 282 10.27 -13.18 0.20
C GLY B 282 9.64 -14.53 -0.09
N LEU B 283 9.33 -15.30 0.95
CA LEU B 283 8.74 -16.61 0.77
C LEU B 283 7.23 -16.51 0.75
N VAL B 284 6.61 -17.34 -0.08
CA VAL B 284 5.16 -17.38 -0.24
C VAL B 284 4.71 -18.82 -0.13
N TYR B 285 3.57 -19.04 0.51
CA TYR B 285 3.00 -20.37 0.63
C TYR B 285 1.51 -20.32 0.34
N LYS B 286 1.04 -21.27 -0.46
CA LYS B 286 -0.37 -21.34 -0.83
C LYS B 286 -0.86 -22.77 -0.67
N LYS B 287 -1.94 -22.96 0.07
CA LYS B 287 -2.50 -24.29 0.24
C LYS B 287 -3.22 -24.75 -1.02
N ILE B 288 -3.38 -26.07 -1.15
CA ILE B 288 -4.12 -26.67 -2.25
C ILE B 288 -5.39 -27.28 -1.67
N GLU B 289 -6.54 -26.74 -2.07
CA GLU B 289 -7.81 -27.26 -1.57
C GLU B 289 -8.15 -28.60 -2.22
N LYS B 290 -7.91 -28.74 -3.52
CA LYS B 290 -8.26 -29.96 -4.23
C LYS B 290 -7.41 -31.14 -3.81
N SER B 291 -6.29 -30.91 -3.14
CA SER B 291 -5.43 -32.01 -2.71
C SER B 291 -6.14 -32.85 -1.65
N LYS B 292 -5.99 -34.18 -1.78
CA LYS B 292 -6.56 -35.07 -0.77
C LYS B 292 -5.94 -34.83 0.60
N ASN B 293 -4.63 -34.60 0.63
CA ASN B 293 -3.98 -34.23 1.88
C ASN B 293 -4.40 -32.82 2.25
N PRO B 294 -5.06 -32.62 3.40
CA PRO B 294 -5.47 -31.26 3.79
C PRO B 294 -4.30 -30.38 4.17
N GLN B 295 -3.12 -30.96 4.36
CA GLN B 295 -1.96 -30.29 4.90
C GLN B 295 -1.11 -29.66 3.80
N ASN B 296 -1.32 -30.08 2.55
CA ASN B 296 -0.47 -29.70 1.42
C ASN B 296 -0.41 -28.19 1.22
N ALA B 297 0.77 -27.71 0.83
CA ALA B 297 0.97 -26.29 0.56
C ALA B 297 2.16 -26.09 -0.36
N CYS B 298 1.95 -25.48 -1.51
CA CYS B 298 3.03 -25.11 -2.40
C CYS B 298 3.79 -23.90 -1.87
N CYS B 299 5.07 -23.83 -2.22
CA CYS B 299 5.96 -22.76 -1.80
C CYS B 299 6.50 -22.01 -3.01
N ALA B 300 7.02 -20.82 -2.74
CA ALA B 300 7.64 -19.99 -3.77
C ALA B 300 8.48 -18.92 -3.10
N ALA B 301 9.33 -18.26 -3.89
CA ALA B 301 10.18 -17.19 -3.40
C ALA B 301 10.25 -16.07 -4.44
N GLN B 302 10.48 -14.86 -3.94
CA GLN B 302 10.58 -13.66 -4.78
C GLN B 302 11.83 -12.89 -4.38
N MET B 303 12.61 -12.47 -5.37
CA MET B 303 13.93 -11.91 -5.14
C MET B 303 14.04 -10.52 -5.76
N PHE B 304 14.58 -9.57 -4.99
CA PHE B 304 14.72 -8.18 -5.43
C PHE B 304 16.07 -7.64 -4.97
N LEU B 305 16.78 -6.95 -5.85
CA LEU B 305 18.01 -6.29 -5.45
C LEU B 305 17.82 -4.83 -5.05
N ASP B 306 17.57 -3.95 -6.02
CA ASP B 306 17.03 -2.63 -5.79
C ASP B 306 16.10 -2.26 -6.93
N ASN B 307 16.17 -3.02 -8.02
CA ASN B 307 15.45 -2.67 -9.23
C ASN B 307 13.94 -2.73 -9.05
N GLY B 308 13.46 -3.57 -8.14
CA GLY B 308 12.05 -3.85 -8.09
C GLY B 308 11.59 -4.83 -9.15
N ASP B 309 12.50 -5.25 -10.03
CA ASP B 309 12.26 -6.31 -11.00
C ASP B 309 12.77 -7.60 -10.35
N GLY B 310 11.85 -8.36 -9.77
CA GLY B 310 12.22 -9.51 -8.97
C GLY B 310 12.10 -10.81 -9.72
N THR B 311 12.96 -11.76 -9.36
CA THR B 311 12.96 -13.10 -9.93
C THR B 311 12.19 -14.03 -9.01
N VAL B 312 11.28 -14.82 -9.57
CA VAL B 312 10.39 -15.67 -8.80
C VAL B 312 10.79 -17.11 -9.02
N PHE B 313 10.99 -17.84 -7.93
CA PHE B 313 11.33 -19.25 -7.95
C PHE B 313 10.17 -20.07 -7.42
N LYS B 314 9.72 -21.04 -8.20
CA LYS B 314 8.67 -21.94 -7.75
C LYS B 314 9.25 -23.00 -6.84
N GLY B 315 8.52 -23.32 -5.77
CA GLY B 315 8.96 -24.31 -4.81
C GLY B 315 8.44 -25.69 -5.14
N GLU B 316 8.27 -26.50 -4.09
CA GLU B 316 7.84 -27.87 -4.21
C GLU B 316 6.48 -28.05 -3.55
N VAL B 317 5.58 -28.70 -4.27
CA VAL B 317 4.23 -28.95 -3.79
C VAL B 317 4.26 -30.14 -2.84
N GLY B 318 3.77 -29.95 -1.61
CA GLY B 318 3.76 -31.00 -0.63
C GLY B 318 3.36 -30.56 0.75
N PRO B 319 3.62 -31.39 1.75
CA PRO B 319 3.23 -31.09 3.13
C PRO B 319 3.97 -29.93 3.77
N TRP B 320 3.62 -28.70 3.42
CA TRP B 320 4.27 -27.52 3.98
C TRP B 320 3.51 -26.89 5.14
N TYR B 321 2.20 -26.73 4.99
CA TYR B 321 1.40 -26.01 5.96
C TYR B 321 1.34 -26.76 7.28
N ASN B 322 1.43 -26.02 8.38
CA ASN B 322 1.29 -26.61 9.70
C ASN B 322 -0.16 -26.41 10.17
N PRO B 323 -1.01 -27.42 10.07
CA PRO B 323 -2.45 -27.17 10.29
C PRO B 323 -2.79 -26.79 11.73
N GLU B 324 -2.33 -27.57 12.71
CA GLU B 324 -2.60 -27.23 14.11
C GLU B 324 -1.96 -25.91 14.49
N LYS B 325 -0.72 -25.69 14.07
CA LYS B 325 -0.03 -24.44 14.41
C LYS B 325 -0.54 -23.28 13.58
N GLY B 326 -0.99 -23.53 12.35
CA GLY B 326 -1.44 -22.48 11.48
C GLY B 326 -0.34 -21.75 10.72
N GLU B 327 0.88 -22.27 10.78
CA GLU B 327 2.03 -21.62 10.16
C GLU B 327 2.45 -22.36 8.89
N TYR B 328 3.40 -21.76 8.17
CA TYR B 328 4.00 -22.36 6.99
C TYR B 328 5.50 -22.45 7.21
N HIS B 329 6.08 -23.61 6.95
CA HIS B 329 7.50 -23.81 7.16
C HIS B 329 8.06 -24.78 6.13
N LEU B 330 9.38 -24.69 5.94
CA LEU B 330 10.10 -25.51 4.99
C LEU B 330 10.91 -26.58 5.74
N LYS B 331 10.85 -27.82 5.25
CA LYS B 331 11.83 -28.80 5.68
C LYS B 331 13.20 -28.40 5.13
N PRO B 332 14.28 -28.79 5.81
CA PRO B 332 15.62 -28.40 5.34
C PRO B 332 15.99 -28.97 3.98
N LYS B 333 15.17 -29.84 3.38
CA LYS B 333 15.53 -30.38 2.08
C LYS B 333 14.97 -29.52 0.94
N GLU B 334 14.13 -28.53 1.27
CA GLU B 334 13.65 -27.57 0.28
C GLU B 334 14.05 -26.14 0.56
N ALA B 335 14.32 -25.79 1.81
CA ALA B 335 14.86 -24.46 2.11
C ALA B 335 16.21 -24.28 1.45
N LYS B 336 17.05 -25.31 1.51
CA LYS B 336 18.32 -25.28 0.79
C LYS B 336 18.10 -25.06 -0.70
N ALA B 337 17.14 -25.78 -1.29
CA ALA B 337 16.87 -25.63 -2.72
C ALA B 337 16.45 -24.21 -3.06
N LEU B 338 15.52 -23.65 -2.29
CA LEU B 338 15.00 -22.32 -2.58
C LEU B 338 16.09 -21.26 -2.45
N LEU B 339 16.86 -21.30 -1.35
CA LEU B 339 17.86 -20.25 -1.18
C LEU B 339 19.03 -20.44 -2.14
N THR B 340 19.36 -21.69 -2.50
CA THR B 340 20.39 -21.90 -3.51
C THR B 340 19.94 -21.37 -4.87
N GLN B 341 18.66 -21.55 -5.20
CA GLN B 341 18.13 -20.95 -6.43
C GLN B 341 18.27 -19.43 -6.38
N ALA B 342 17.91 -18.83 -5.25
CA ALA B 342 18.01 -17.38 -5.13
C ALA B 342 19.46 -16.92 -5.29
N LEU B 343 20.39 -17.62 -4.65
CA LEU B 343 21.79 -17.19 -4.70
C LEU B 343 22.42 -17.44 -6.06
N GLU B 344 22.03 -18.52 -6.74
CA GLU B 344 22.55 -18.73 -8.09
C GLU B 344 22.01 -17.67 -9.04
N SER B 345 20.75 -17.28 -8.86
CA SER B 345 20.22 -16.18 -9.67
C SER B 345 20.97 -14.89 -9.37
N TYR B 346 21.27 -14.63 -8.09
CA TYR B 346 22.07 -13.46 -7.75
C TYR B 346 23.43 -13.50 -8.43
N LYS B 347 24.08 -14.66 -8.38
CA LYS B 347 25.42 -14.76 -8.96
C LYS B 347 25.37 -14.59 -10.48
N GLU B 348 24.32 -15.09 -11.12
CA GLU B 348 24.15 -14.88 -12.55
C GLU B 348 23.93 -13.40 -12.86
N GLN B 349 23.14 -12.71 -12.05
CA GLN B 349 22.75 -11.34 -12.35
C GLN B 349 23.75 -10.30 -11.84
N ASN B 350 24.74 -10.71 -11.04
CA ASN B 350 25.65 -9.76 -10.41
C ASN B 350 27.11 -10.17 -10.53
N LYS B 351 27.40 -11.47 -10.67
CA LYS B 351 28.73 -12.06 -10.76
C LYS B 351 29.51 -12.00 -9.43
N SER B 352 28.80 -11.75 -8.33
CA SER B 352 29.43 -11.78 -7.02
C SER B 352 28.41 -12.27 -6.01
N TYR B 353 28.89 -12.56 -4.80
CA TYR B 353 27.89 -12.97 -3.82
C TYR B 353 27.52 -11.79 -2.93
N PRO B 354 26.25 -11.68 -2.55
CA PRO B 354 25.80 -10.49 -1.81
C PRO B 354 26.45 -10.41 -0.44
N LYS B 355 26.69 -9.18 0.01
CA LYS B 355 27.22 -8.97 1.35
C LYS B 355 26.15 -9.22 2.41
N GLU B 356 24.89 -8.90 2.11
CA GLU B 356 23.79 -9.15 3.01
C GLU B 356 22.64 -9.76 2.24
N VAL B 357 21.90 -10.66 2.89
CA VAL B 357 20.68 -11.23 2.34
C VAL B 357 19.59 -11.10 3.39
N PHE B 358 18.44 -10.58 2.98
CA PHE B 358 17.28 -10.43 3.86
C PHE B 358 16.16 -11.28 3.31
N ILE B 359 15.61 -12.16 4.14
CA ILE B 359 14.50 -13.03 3.76
C ILE B 359 13.25 -12.54 4.48
N HIS B 360 12.15 -12.42 3.74
CA HIS B 360 10.92 -11.84 4.27
C HIS B 360 9.78 -12.85 4.18
N ALA B 361 8.96 -12.92 5.23
CA ALA B 361 7.81 -13.81 5.22
C ALA B 361 6.76 -13.28 6.20
N ARG B 362 5.53 -13.75 6.03
CA ARG B 362 4.44 -13.38 6.92
C ARG B 362 4.53 -14.06 8.28
N THR B 363 5.42 -15.03 8.45
CA THR B 363 5.53 -15.77 9.70
C THR B 363 6.99 -15.94 10.07
N ARG B 364 7.23 -16.12 11.37
CA ARG B 364 8.57 -16.43 11.84
C ARG B 364 8.95 -17.84 11.44
N PHE B 365 10.22 -18.03 11.08
CA PHE B 365 10.69 -19.35 10.70
C PHE B 365 11.13 -20.14 11.92
N ASN B 366 10.96 -21.45 11.86
CA ASN B 366 11.53 -22.31 12.88
C ASN B 366 13.04 -22.40 12.68
N ASP B 367 13.74 -22.94 13.69
CA ASP B 367 15.18 -23.06 13.58
C ASP B 367 15.60 -24.01 12.47
N GLU B 368 14.72 -24.93 12.09
CA GLU B 368 15.01 -25.82 10.96
C GLU B 368 15.26 -25.02 9.68
N GLU B 369 14.33 -24.13 9.35
CA GLU B 369 14.48 -23.32 8.14
C GLU B 369 15.70 -22.43 8.21
N TRP B 370 15.95 -21.81 9.38
CA TRP B 370 17.09 -20.90 9.47
C TRP B 370 18.41 -21.64 9.35
N ASN B 371 18.53 -22.81 9.97
CA ASN B 371 19.77 -23.58 9.81
C ASN B 371 19.95 -24.04 8.37
N ALA B 372 18.86 -24.47 7.73
CA ALA B 372 18.96 -24.86 6.32
C ALA B 372 19.40 -23.69 5.45
N PHE B 373 18.90 -22.49 5.77
CA PHE B 373 19.35 -21.29 5.07
C PHE B 373 20.82 -21.01 5.34
N ASN B 374 21.27 -21.22 6.58
CA ASN B 374 22.63 -20.86 6.95
C ASN B 374 23.66 -21.78 6.33
N GLU B 375 23.33 -23.07 6.14
CA GLU B 375 24.30 -23.96 5.51
C GLU B 375 24.63 -23.53 4.09
N VAL B 376 23.62 -23.19 3.29
CA VAL B 376 23.85 -22.85 1.89
C VAL B 376 24.40 -21.44 1.69
N THR B 377 24.35 -20.60 2.70
CA THR B 377 24.79 -19.21 2.56
C THR B 377 26.29 -19.10 2.81
N PRO B 378 27.03 -18.40 1.97
CA PRO B 378 28.48 -18.28 2.17
C PRO B 378 28.83 -17.53 3.44
N LYS B 379 30.06 -17.75 3.91
CA LYS B 379 30.49 -17.22 5.19
C LYS B 379 30.50 -15.71 5.22
N ASN B 380 30.97 -15.07 4.15
CA ASN B 380 31.09 -13.61 4.14
C ASN B 380 29.76 -12.90 4.04
N THR B 381 28.67 -13.61 3.78
CA THR B 381 27.35 -13.02 3.68
C THR B 381 26.67 -13.02 5.06
N ASN B 382 26.24 -11.85 5.49
CA ASN B 382 25.53 -11.70 6.77
C ASN B 382 24.04 -11.95 6.51
N LEU B 383 23.66 -13.23 6.49
CA LEU B 383 22.28 -13.58 6.21
C LEU B 383 21.40 -13.09 7.36
N VAL B 384 20.29 -12.45 7.01
CA VAL B 384 19.34 -11.92 7.99
C VAL B 384 17.94 -12.37 7.58
N GLY B 385 17.17 -12.83 8.54
CA GLY B 385 15.78 -13.18 8.29
C GLY B 385 14.84 -12.24 9.01
N VAL B 386 13.93 -11.61 8.27
CA VAL B 386 13.04 -10.60 8.82
C VAL B 386 11.61 -10.93 8.41
N THR B 387 10.69 -10.93 9.38
CA THR B 387 9.30 -11.25 9.12
C THR B 387 8.44 -10.00 9.20
N ILE B 388 7.49 -9.89 8.28
CA ILE B 388 6.61 -8.73 8.14
C ILE B 388 5.20 -9.21 8.43
N THR B 389 4.53 -8.58 9.39
CA THR B 389 3.23 -9.03 9.85
C THR B 389 2.25 -7.87 9.90
N LYS B 390 0.98 -8.16 9.57
CA LYS B 390 -0.13 -7.26 9.86
C LYS B 390 -0.79 -7.72 11.16
N SER B 391 -0.01 -7.62 12.24
CA SER B 391 -0.33 -8.26 13.50
C SER B 391 -1.38 -7.45 14.25
N LYS B 392 -1.55 -7.77 15.53
CA LYS B 392 -2.53 -7.10 16.37
C LYS B 392 -2.25 -5.60 16.39
N PRO B 393 -3.27 -4.77 16.39
CA PRO B 393 -3.08 -3.35 16.04
C PRO B 393 -2.32 -2.58 17.09
N LEU B 394 -1.19 -2.00 16.68
CA LEU B 394 -0.64 -0.80 17.31
C LEU B 394 -0.99 0.33 16.34
N LYS B 395 -2.22 0.82 16.44
CA LYS B 395 -2.72 1.85 15.53
C LYS B 395 -2.50 3.20 16.21
N LEU B 396 -1.40 3.86 15.84
CA LEU B 396 -1.12 5.18 16.37
C LEU B 396 -2.15 6.19 15.84
N TYR B 397 -2.46 7.16 16.68
CA TYR B 397 -3.34 8.26 16.31
C TYR B 397 -2.67 9.57 16.65
N LYS B 398 -2.62 10.48 15.68
CA LYS B 398 -2.21 11.84 15.98
C LYS B 398 -3.27 12.51 16.84
N THR B 399 -2.81 13.29 17.83
CA THR B 399 -3.73 13.86 18.80
C THR B 399 -4.73 14.81 18.13
N GLU B 400 -4.27 15.64 17.21
CA GLU B 400 -5.10 16.65 16.57
C GLU B 400 -5.18 16.38 15.07
N GLY B 401 -6.36 16.62 14.51
CA GLY B 401 -6.57 16.53 13.08
C GLY B 401 -6.99 15.14 12.64
N ALA B 402 -7.78 15.10 11.58
CA ALA B 402 -8.21 13.85 10.97
C ALA B 402 -7.14 13.26 10.06
N PHE B 403 -5.95 13.82 10.07
CA PHE B 403 -4.87 13.33 9.22
C PHE B 403 -4.04 12.33 10.02
N PRO B 404 -3.98 11.06 9.60
CA PRO B 404 -3.29 10.05 10.41
C PRO B 404 -1.79 10.29 10.53
N ILE B 405 -1.12 9.44 11.32
CA ILE B 405 0.33 9.53 11.44
C ILE B 405 0.94 9.33 10.07
N MET B 406 1.99 10.11 9.77
CA MET B 406 2.52 10.10 8.42
C MET B 406 3.18 8.77 8.13
N ARG B 407 3.17 8.37 6.85
CA ARG B 407 3.93 7.21 6.44
C ARG B 407 5.42 7.47 6.60
N GLY B 408 6.14 6.46 7.09
CA GLY B 408 7.57 6.57 7.28
C GLY B 408 8.03 6.78 8.70
N ASN B 409 7.13 6.73 9.68
CA ASN B 409 7.51 6.82 11.07
C ASN B 409 7.62 5.42 11.66
N ALA B 410 8.69 5.18 12.42
CA ALA B 410 9.00 3.85 12.91
C ALA B 410 9.22 3.88 14.42
N TYR B 411 8.77 2.82 15.08
CA TYR B 411 8.93 2.62 16.51
C TYR B 411 9.97 1.54 16.73
N ILE B 412 11.01 1.86 17.51
CA ILE B 412 12.08 0.91 17.82
C ILE B 412 11.66 0.20 19.11
N VAL B 413 10.92 -0.90 18.96
CA VAL B 413 10.55 -1.70 20.12
C VAL B 413 11.80 -2.28 20.79
N ASP B 414 12.66 -2.90 19.99
CA ASP B 414 13.98 -3.32 20.43
C ASP B 414 14.82 -3.58 19.18
N GLU B 415 16.11 -3.81 19.40
CA GLU B 415 17.07 -3.93 18.30
C GLU B 415 16.69 -4.98 17.26
N LYS B 416 15.66 -5.79 17.52
CA LYS B 416 15.23 -6.79 16.57
C LYS B 416 13.75 -6.72 16.22
N LYS B 417 12.95 -5.93 16.94
CA LYS B 417 11.54 -5.76 16.63
C LYS B 417 11.24 -4.28 16.46
N ALA B 418 10.50 -3.94 15.41
CA ALA B 418 10.14 -2.56 15.16
C ALA B 418 8.81 -2.52 14.42
N PHE B 419 8.19 -1.35 14.43
CA PHE B 419 6.98 -1.08 13.67
C PHE B 419 7.32 -0.14 12.53
N LEU B 420 6.83 -0.43 11.33
CA LEU B 420 7.02 0.45 10.19
C LEU B 420 5.67 0.94 9.70
N TRP B 421 5.53 2.25 9.58
CA TRP B 421 4.29 2.85 9.07
C TRP B 421 4.48 3.09 7.58
N THR B 422 4.25 2.05 6.79
CA THR B 422 4.32 2.17 5.34
C THR B 422 3.06 2.76 4.74
N LEU B 423 1.97 2.84 5.50
CA LEU B 423 0.73 3.46 5.07
C LEU B 423 0.54 4.78 5.80
N GLY B 424 -0.59 5.42 5.56
CA GLY B 424 -0.92 6.67 6.19
C GLY B 424 -0.63 7.87 5.32
N PHE B 425 -0.62 9.04 5.96
CA PHE B 425 -0.47 10.31 5.27
C PHE B 425 0.96 10.46 4.79
N VAL B 426 1.14 10.92 3.56
CA VAL B 426 2.46 11.26 3.03
C VAL B 426 2.43 12.73 2.63
N PRO B 427 3.40 13.55 3.08
CA PRO B 427 3.38 14.97 2.71
C PRO B 427 3.46 15.22 1.22
N LYS B 428 4.18 14.38 0.46
CA LYS B 428 4.33 14.61 -0.97
C LYS B 428 2.99 14.55 -1.68
N LEU B 429 2.16 13.57 -1.35
CA LEU B 429 0.82 13.48 -1.91
C LEU B 429 -0.18 14.38 -1.21
N GLN B 430 0.17 14.91 -0.03
CA GLN B 430 -0.80 15.52 0.87
C GLN B 430 -2.03 14.63 1.00
N SER B 431 -1.78 13.33 1.12
CA SER B 431 -2.83 12.33 1.02
C SER B 431 -2.40 11.10 1.82
N THR B 432 -3.30 10.12 1.89
CA THR B 432 -3.07 8.91 2.66
C THR B 432 -3.17 7.70 1.75
N LEU B 433 -2.21 6.78 1.89
CA LEU B 433 -2.30 5.50 1.18
C LEU B 433 -3.34 4.59 1.81
N SER B 434 -3.43 4.60 3.14
CA SER B 434 -4.35 3.74 3.87
C SER B 434 -5.75 4.35 3.87
N MET B 435 -6.75 3.48 4.02
CA MET B 435 -8.13 3.93 3.94
C MET B 435 -8.61 4.50 5.27
N GLU B 436 -8.71 3.65 6.30
CA GLU B 436 -9.24 4.11 7.59
C GLU B 436 -8.15 4.71 8.48
N VAL B 437 -7.20 3.87 8.89
CA VAL B 437 -6.10 4.26 9.78
C VAL B 437 -4.92 3.36 9.42
N PRO B 438 -3.71 3.90 9.32
CA PRO B 438 -2.57 3.06 8.92
C PRO B 438 -2.22 2.03 9.98
N ASN B 439 -2.50 0.77 9.69
CA ASN B 439 -2.01 -0.31 10.52
C ASN B 439 -0.56 -0.58 10.15
N PRO B 440 0.39 -0.37 11.05
CA PRO B 440 1.80 -0.55 10.69
C PRO B 440 2.11 -2.03 10.45
N ILE B 441 3.14 -2.25 9.65
CA ILE B 441 3.69 -3.60 9.51
C ILE B 441 4.66 -3.82 10.66
N PHE B 442 4.38 -4.83 11.48
CA PHE B 442 5.33 -5.23 12.50
C PHE B 442 6.44 -6.03 11.83
N ILE B 443 7.66 -5.50 11.88
CA ILE B 443 8.80 -6.15 11.27
C ILE B 443 9.67 -6.66 12.41
N GLU B 444 10.09 -7.92 12.31
CA GLU B 444 10.84 -8.58 13.36
C GLU B 444 12.06 -9.25 12.77
N ILE B 445 13.22 -8.96 13.32
CA ILE B 445 14.45 -9.67 12.96
C ILE B 445 14.50 -10.90 13.87
N ASN B 446 13.76 -11.93 13.47
CA ASN B 446 13.70 -13.13 14.29
C ASN B 446 15.00 -13.91 14.22
N LYS B 447 15.69 -13.85 13.09
CA LYS B 447 16.95 -14.55 12.89
C LYS B 447 17.96 -13.58 12.28
N GLY B 448 19.23 -13.85 12.54
CA GLY B 448 20.30 -13.02 12.02
C GLY B 448 20.57 -11.81 12.88
N GLU B 449 21.63 -11.09 12.52
CA GLU B 449 22.06 -9.89 13.25
C GLU B 449 22.22 -8.75 12.26
N ALA B 450 21.41 -7.72 12.40
CA ALA B 450 21.48 -6.54 11.56
C ALA B 450 20.90 -5.35 12.31
N GLU B 451 21.36 -4.15 11.95
CA GLU B 451 20.85 -2.95 12.58
C GLU B 451 19.40 -2.73 12.19
N ILE B 452 18.56 -2.42 13.18
CA ILE B 452 17.12 -2.37 12.96
C ILE B 452 16.73 -1.21 12.06
N GLN B 453 17.38 -0.06 12.21
CA GLN B 453 17.03 1.10 11.39
C GLN B 453 17.33 0.84 9.92
N GLN B 454 18.43 0.14 9.63
CA GLN B 454 18.74 -0.20 8.24
C GLN B 454 17.67 -1.11 7.66
N VAL B 455 17.18 -2.08 8.45
CA VAL B 455 16.12 -2.95 7.97
C VAL B 455 14.85 -2.16 7.70
N LEU B 456 14.52 -1.20 8.57
CA LEU B 456 13.34 -0.37 8.33
C LEU B 456 13.49 0.46 7.07
N LYS B 457 14.69 1.01 6.84
CA LYS B 457 14.94 1.75 5.60
C LYS B 457 14.78 0.85 4.39
N ASP B 458 15.29 -0.38 4.47
CA ASP B 458 15.19 -1.31 3.34
C ASP B 458 13.75 -1.67 3.05
N ILE B 459 12.94 -1.91 4.08
CA ILE B 459 11.53 -2.24 3.85
C ILE B 459 10.77 -1.04 3.32
N LEU B 460 11.07 0.15 3.84
CA LEU B 460 10.45 1.36 3.32
C LEU B 460 10.75 1.54 1.83
N ALA B 461 12.01 1.30 1.44
CA ALA B 461 12.36 1.37 0.03
C ALA B 461 11.61 0.31 -0.78
N LEU B 462 11.60 -0.93 -0.28
CA LEU B 462 10.95 -2.02 -0.99
C LEU B 462 9.45 -1.80 -1.15
N THR B 463 8.86 -0.95 -0.32
CA THR B 463 7.44 -0.65 -0.49
C THR B 463 7.14 0.14 -1.76
N LYS B 464 8.16 0.73 -2.38
CA LYS B 464 7.95 1.62 -3.52
C LYS B 464 7.92 0.91 -4.86
N LEU B 465 8.23 -0.38 -4.92
CA LEU B 465 8.57 -1.03 -6.19
C LEU B 465 7.44 -1.88 -6.75
N ASN B 466 6.19 -1.56 -6.45
CA ASN B 466 5.07 -2.27 -7.06
C ASN B 466 4.83 -1.69 -8.45
N TYR B 467 5.30 -2.39 -9.47
CA TYR B 467 5.10 -1.93 -10.85
C TYR B 467 3.73 -2.27 -11.40
N ASN B 468 2.98 -3.18 -10.76
CA ASN B 468 1.66 -3.52 -11.29
C ASN B 468 0.67 -2.39 -11.10
N ALA B 469 0.90 -1.53 -10.11
CA ALA B 469 0.06 -0.36 -9.88
C ALA B 469 0.95 0.87 -9.83
N CYS B 470 0.58 1.91 -10.57
CA CYS B 470 1.33 3.17 -10.56
C CYS B 470 0.82 4.00 -9.39
N ILE B 471 1.41 3.75 -8.22
CA ILE B 471 1.04 4.46 -7.00
C ILE B 471 2.30 4.96 -6.32
N TYR B 472 2.13 5.93 -5.42
CA TYR B 472 3.28 6.54 -4.75
C TYR B 472 4.07 5.50 -3.98
N ALA B 473 3.38 4.60 -3.28
CA ALA B 473 4.03 3.55 -2.51
C ALA B 473 2.98 2.51 -2.16
N ASP B 474 3.46 1.37 -1.66
CA ASP B 474 2.60 0.25 -1.32
C ASP B 474 2.67 0.00 0.18
N GLY B 475 1.53 -0.43 0.75
CA GLY B 475 1.50 -0.73 2.17
C GLY B 475 2.40 -1.90 2.54
N GLU B 476 2.33 -2.98 1.77
CA GLU B 476 3.17 -4.16 1.91
C GLU B 476 4.38 -4.05 1.00
N PRO B 477 5.57 -4.37 1.48
CA PRO B 477 6.74 -4.40 0.59
C PRO B 477 6.53 -5.41 -0.53
N VAL B 478 7.12 -5.11 -1.68
CA VAL B 478 6.88 -5.92 -2.88
C VAL B 478 7.33 -7.36 -2.69
N THR B 479 8.23 -7.61 -1.73
CA THR B 479 8.65 -8.98 -1.44
C THR B 479 7.51 -9.84 -0.93
N LEU B 480 6.43 -9.22 -0.45
CA LEU B 480 5.29 -9.97 0.08
C LEU B 480 3.94 -9.52 -0.46
N ARG B 481 3.88 -8.46 -1.27
CA ARG B 481 2.58 -7.94 -1.69
C ARG B 481 1.80 -8.96 -2.51
N PHE B 482 2.45 -9.54 -3.51
CA PHE B 482 1.79 -10.43 -4.46
C PHE B 482 1.85 -11.89 -4.04
N ALA B 483 2.00 -12.15 -2.74
CA ALA B 483 2.05 -13.52 -2.25
C ALA B 483 0.80 -14.30 -2.67
N ASN B 484 -0.38 -13.74 -2.38
CA ASN B 484 -1.62 -14.44 -2.68
C ASN B 484 -1.78 -14.67 -4.19
N LYS B 485 -1.45 -13.65 -4.99
CA LYS B 485 -1.65 -13.77 -6.43
C LYS B 485 -0.69 -14.79 -7.05
N ILE B 486 0.58 -14.73 -6.68
CA ILE B 486 1.54 -15.69 -7.25
C ILE B 486 1.22 -17.10 -6.76
N GLY B 487 0.75 -17.23 -5.52
CA GLY B 487 0.34 -18.54 -5.04
C GLY B 487 -0.84 -19.09 -5.81
N GLU B 488 -1.84 -18.24 -6.06
CA GLU B 488 -2.99 -18.66 -6.86
C GLU B 488 -2.56 -19.09 -8.26
N ILE B 489 -1.65 -18.33 -8.87
CA ILE B 489 -1.16 -18.69 -10.21
C ILE B 489 -0.44 -20.02 -10.16
N LEU B 490 0.47 -20.19 -9.20
CA LEU B 490 1.27 -21.41 -9.15
C LEU B 490 0.42 -22.64 -8.89
N THR B 491 -0.55 -22.53 -7.99
CA THR B 491 -1.42 -23.65 -7.68
C THR B 491 -2.59 -23.79 -8.63
N ALA B 492 -2.74 -22.87 -9.59
CA ALA B 492 -3.81 -23.00 -10.58
C ALA B 492 -3.61 -24.23 -11.44
N SER B 493 -2.38 -24.49 -11.87
CA SER B 493 -2.04 -25.65 -12.68
C SER B 493 -1.03 -26.51 -11.92
N THR B 494 -1.34 -27.80 -11.79
CA THR B 494 -0.50 -28.70 -11.00
C THR B 494 0.51 -29.47 -11.84
N GLU B 495 0.32 -29.55 -13.16
CA GLU B 495 1.19 -30.32 -14.03
C GLU B 495 2.20 -29.45 -14.78
N ILE B 496 2.55 -28.30 -14.22
CA ILE B 496 3.43 -27.33 -14.88
C ILE B 496 4.65 -27.11 -14.01
N LYS B 497 5.83 -27.20 -14.63
CA LYS B 497 7.10 -26.90 -13.96
C LYS B 497 7.67 -25.64 -14.57
N THR B 498 8.08 -24.70 -13.72
CA THR B 498 8.58 -23.41 -14.16
C THR B 498 9.95 -23.14 -13.54
N PRO B 499 10.86 -22.52 -14.30
CA PRO B 499 12.19 -22.16 -13.81
C PRO B 499 12.13 -21.26 -12.58
N LEU B 501 12.06 -17.11 -13.30
CA LEU B 501 11.33 -16.17 -14.14
C LEU B 501 11.14 -14.84 -13.45
N ALA B 502 11.07 -13.77 -14.24
CA ALA B 502 10.89 -12.43 -13.68
C ALA B 502 9.46 -12.25 -13.18
N PHE B 503 9.27 -11.19 -12.39
CA PHE B 503 7.97 -10.93 -11.79
C PHE B 503 6.91 -10.57 -12.82
N LYS B 504 7.32 -10.11 -14.00
CA LYS B 504 6.39 -9.64 -15.01
C LYS B 504 5.52 -10.75 -15.60
N TYR B 505 5.85 -12.01 -15.33
CA TYR B 505 5.05 -13.14 -15.79
C TYR B 505 3.97 -13.54 -14.80
N TYR B 506 3.86 -12.83 -13.67
CA TYR B 506 2.84 -13.06 -12.65
C TYR B 506 1.88 -11.89 -12.47
N ILE B 507 2.40 -10.66 -12.43
CA ILE B 507 1.54 -9.50 -12.29
C ILE B 507 1.03 -9.07 -13.66
MG MG D . -1.31 -6.83 -13.24
#